data_8K0E
#
_entry.id   8K0E
#
_cell.length_a   1.00
_cell.length_b   1.00
_cell.length_c   1.00
_cell.angle_alpha   90.00
_cell.angle_beta   90.00
_cell.angle_gamma   90.00
#
_symmetry.space_group_name_H-M   'P 1'
#
loop_
_entity.id
_entity.type
_entity.pdbx_description
1 polymer 'Prolyl 3-hydroxylase 1'
2 polymer 'Cartilage-associated protein'
3 branched 2-acetamido-2-deoxy-beta-D-glucopyranose-(1-4)-2-acetamido-2-deoxy-beta-D-glucopyranose
4 non-polymer 'FE (III) ION'
#
loop_
_entity_poly.entity_id
_entity_poly.type
_entity_poly.pdbx_seq_one_letter_code
_entity_poly.pdbx_strand_id
1 'polypeptide(L)'
;MAVRALKLLTTLLAVVAAASQAEVESEAGWGMVTPDLLFAEGTAAYARGDWPGVVLSMERALRSRAALRALRLRCRTQCA
ADFPWELDPDWSPSPAQASGAAALRDLSFFGGLLRRAACLRRCLGPPAAHSLSEEMELEFRKRSPYNYLQVAYFKINKLE
KAVAAAHTFFVGNPEHMEMQQNLDYYQTMSGVKEADFKDLETQPHMQEFRLGVRLYSEEQPQEAVPHLEAALQEYFVAYE
ECRALCEGPYDYDGYNYLEYNADLFQAITDHYIQVLNCKQNCVTELASHPSREKPFEDFLPSHYNYLQFAYYNIGNYTQA
VECAKTYLLFFPNDEVMNQNLAYYAAMLGEEHTRSIGPRESAKEYRQRSLLEKELLFFAYDVFGIPFVDPDSWTPEEVIP
KRLQEKQKSERETAVRISQEIGNLMKEIETLVEEKTKESLDVSRLTREGGPLLYEGISLTMNSKLLNGSQRVVMDGVISD
HECQELQRLTNVAATSGDGYRGQTSPHTPNEKFYGVTVFKALKLGQEGKVPLQSAHLYYNVTEKVRRIMESYFRLDTPLY
FSYSHLVCRTAIEEVQAERKDDSHPVHVDNCILNAETLVCVKEPPAYTFRDYSAILYLNGDFDGGNFYFTELDAKTVTAE
VQPQCGRAVGFSSGTENPHGVKAVTRGQRCAIALWFTLDPRHSERDRVQADDLVKMLFSPEEMDLSQEQPLDAQQGPPEP
AQESLSGSESKPKDEL
;
A
2 'polypeptide(L)'
;MEPGRRGAAALLALLCVACALRAGRAQYERYSFRSFPRDELMPLESAYRHALDKYSGEHWAESVGYLEISLRLHRLLRDS
EAFCHRNCSAAPQPEPAAGLASYPELRLFGGLLRRAHCLKRCKQGLPAFRQSQPSREVLADFQRREPYKFLQFAYFKANN
LPKAIAAAHTFLLKHPDDEMMKRNMAYYKSLPGAEDYIKDLETKSYESLFIRAVRAYNGENWRTSITDMELALPDFFKAF
YECLAACEGSREIKDFKDFYLSIADHYVEVLECKIQCEENLTPVIGGYPVEKFVATMYHYLQFAYYKLNDLKNAAPCAVS
YLLFDQNDKVMQQNLVYYQYHRDTWGLSDEHFQPRPEAVQFFNVTTLQKELYDFAKENIMDDDEGEVVEYVDDLLELEET
SAAALEVLFQGPSAWSHPQFEKGGGSGGGSGGSAWSHPQFEK
;
B
#
loop_
_chem_comp.id
_chem_comp.type
_chem_comp.name
_chem_comp.formula
FE non-polymer 'FE (III) ION' 'Fe 3'
NAG D-saccharide, beta linking 2-acetamido-2-deoxy-beta-D-glucopyranose 'C8 H15 N O6'
#
# COMPACT_ATOMS: atom_id res chain seq x y z
N GLY A 31 -32.86 14.96 4.39
CA GLY A 31 -33.10 13.58 4.05
C GLY A 31 -31.84 12.86 3.57
N MET A 32 -30.87 12.70 4.46
CA MET A 32 -29.58 12.08 4.15
C MET A 32 -28.91 12.79 2.97
N VAL A 33 -28.96 14.12 2.98
CA VAL A 33 -28.35 14.91 1.92
C VAL A 33 -26.91 15.23 2.31
N THR A 34 -26.11 15.58 1.32
CA THR A 34 -24.69 15.81 1.58
C THR A 34 -24.50 17.04 2.47
N PRO A 35 -23.68 16.95 3.52
CA PRO A 35 -23.56 18.06 4.48
C PRO A 35 -22.95 19.33 3.93
N ASP A 36 -21.97 19.25 3.02
CA ASP A 36 -21.28 20.45 2.56
C ASP A 36 -22.22 21.36 1.78
N LEU A 37 -23.20 20.78 1.08
CA LEU A 37 -24.21 21.61 0.42
C LEU A 37 -25.00 22.42 1.46
N LEU A 38 -25.41 21.79 2.55
CA LEU A 38 -26.11 22.52 3.60
C LEU A 38 -25.22 23.57 4.24
N PHE A 39 -23.93 23.25 4.44
CA PHE A 39 -23.01 24.23 5.00
C PHE A 39 -22.89 25.44 4.09
N ALA A 40 -22.78 25.22 2.78
CA ALA A 40 -22.69 26.33 1.84
C ALA A 40 -23.97 27.15 1.83
N GLU A 41 -25.13 26.49 1.87
CA GLU A 41 -26.40 27.22 1.93
C GLU A 41 -26.49 28.06 3.18
N GLY A 42 -26.07 27.51 4.33
CA GLY A 42 -26.10 28.28 5.56
C GLY A 42 -25.13 29.44 5.54
N THR A 43 -23.95 29.24 4.95
CA THR A 43 -23.00 30.34 4.83
C THR A 43 -23.54 31.44 3.95
N ALA A 44 -24.18 31.09 2.84
CA ALA A 44 -24.79 32.10 1.98
C ALA A 44 -25.91 32.84 2.70
N ALA A 45 -26.74 32.11 3.46
CA ALA A 45 -27.79 32.76 4.23
C ALA A 45 -27.22 33.70 5.28
N TYR A 46 -26.14 33.28 5.94
CA TYR A 46 -25.49 34.15 6.92
C TYR A 46 -24.91 35.39 6.27
N ALA A 47 -24.35 35.24 5.07
CA ALA A 47 -23.90 36.40 4.31
C ALA A 47 -25.07 37.34 4.02
N ARG A 48 -26.21 36.78 3.63
CA ARG A 48 -27.43 37.60 3.53
C ARG A 48 -27.87 38.09 4.91
N GLY A 49 -27.81 37.23 5.92
CA GLY A 49 -28.19 37.60 7.26
C GLY A 49 -29.58 37.16 7.67
N ASP A 50 -29.95 35.94 7.28
CA ASP A 50 -31.26 35.37 7.61
C ASP A 50 -31.05 34.33 8.71
N TRP A 51 -31.19 34.77 9.96
CA TRP A 51 -30.84 33.92 11.10
C TRP A 51 -31.67 32.64 11.18
N PRO A 52 -33.01 32.66 11.00
CA PRO A 52 -33.74 31.37 11.00
C PRO A 52 -33.21 30.40 9.96
N GLY A 53 -32.87 30.91 8.78
CA GLY A 53 -32.30 30.04 7.75
C GLY A 53 -31.00 29.40 8.18
N VAL A 54 -30.11 30.19 8.81
CA VAL A 54 -28.81 29.66 9.16
C VAL A 54 -28.93 28.65 10.30
N VAL A 55 -29.79 28.91 11.28
CA VAL A 55 -29.93 27.93 12.36
C VAL A 55 -30.53 26.64 11.83
N LEU A 56 -31.55 26.74 10.97
CA LEU A 56 -32.13 25.53 10.38
C LEU A 56 -31.07 24.75 9.61
N SER A 57 -30.32 25.44 8.75
CA SER A 57 -29.34 24.75 7.90
C SER A 57 -28.25 24.10 8.73
N MET A 58 -27.74 24.80 9.74
CA MET A 58 -26.64 24.27 10.54
C MET A 58 -27.09 23.07 11.37
N GLU A 59 -28.28 23.17 12.00
CA GLU A 59 -28.78 22.04 12.77
C GLU A 59 -29.02 20.84 11.87
N ARG A 60 -29.59 21.07 10.68
CA ARG A 60 -29.81 19.96 9.74
C ARG A 60 -28.49 19.32 9.34
N ALA A 61 -27.47 20.12 9.06
CA ALA A 61 -26.17 19.57 8.66
C ALA A 61 -25.56 18.74 9.78
N LEU A 62 -25.61 19.25 11.01
CA LEU A 62 -25.01 18.51 12.13
C LEU A 62 -25.74 17.20 12.37
N ARG A 63 -27.08 17.22 12.36
CA ARG A 63 -27.82 15.97 12.54
C ARG A 63 -27.56 15.00 11.39
N SER A 64 -27.39 15.53 10.18
CA SER A 64 -27.08 14.66 9.04
C SER A 64 -25.74 13.96 9.23
N ARG A 65 -24.72 14.70 9.68
CA ARG A 65 -23.43 14.07 9.92
C ARG A 65 -23.53 13.01 11.00
N ALA A 66 -24.24 13.30 12.09
CA ALA A 66 -24.38 12.32 13.16
C ALA A 66 -25.08 11.05 12.67
N ALA A 67 -26.18 11.22 11.92
CA ALA A 67 -26.91 10.07 11.40
C ALA A 67 -26.05 9.26 10.43
N LEU A 68 -25.29 9.95 9.57
CA LEU A 68 -24.43 9.24 8.63
C LEU A 68 -23.39 8.39 9.36
N ARG A 69 -22.75 8.97 10.38
CA ARG A 69 -21.75 8.22 11.13
C ARG A 69 -22.38 7.02 11.83
N ALA A 70 -23.55 7.21 12.45
CA ALA A 70 -24.21 6.11 13.14
C ALA A 70 -24.58 4.99 12.18
N LEU A 71 -25.13 5.34 11.02
CA LEU A 71 -25.53 4.33 10.04
C LEU A 71 -24.31 3.54 9.54
N ARG A 72 -23.23 4.24 9.20
CA ARG A 72 -22.04 3.53 8.73
C ARG A 72 -21.50 2.60 9.79
N LEU A 73 -21.44 3.07 11.04
CA LEU A 73 -20.92 2.22 12.12
C LEU A 73 -21.78 0.99 12.29
N ARG A 74 -23.11 1.16 12.33
CA ARG A 74 -24.00 0.03 12.57
C ARG A 74 -23.87 -1.00 11.46
N CYS A 75 -23.91 -0.56 10.20
CA CYS A 75 -23.83 -1.51 9.09
C CYS A 75 -22.48 -2.23 9.08
N ARG A 76 -21.39 -1.49 9.23
CA ARG A 76 -20.07 -2.10 9.13
C ARG A 76 -19.78 -3.02 10.31
N THR A 77 -20.42 -2.79 11.45
CA THR A 77 -20.18 -3.67 12.59
C THR A 77 -21.17 -4.83 12.64
N GLN A 78 -22.29 -4.74 11.92
CA GLN A 78 -23.20 -5.89 11.86
C GLN A 78 -22.78 -6.87 10.78
N CYS A 79 -22.33 -6.38 9.62
CA CYS A 79 -21.99 -7.28 8.52
C CYS A 79 -20.82 -8.19 8.89
N ALA A 80 -19.78 -7.64 9.52
CA ALA A 80 -18.62 -8.44 9.89
C ALA A 80 -18.94 -9.43 11.00
N ALA A 81 -20.05 -9.25 11.71
CA ALA A 81 -20.45 -10.20 12.74
C ALA A 81 -21.47 -11.22 12.23
N ASP A 82 -22.14 -10.94 11.12
CA ASP A 82 -23.06 -11.92 10.55
C ASP A 82 -22.30 -13.07 9.89
N PHE A 83 -21.16 -12.78 9.26
CA PHE A 83 -20.35 -13.79 8.58
C PHE A 83 -18.98 -13.86 9.23
N PRO A 84 -18.80 -14.69 10.25
CA PRO A 84 -17.51 -14.73 10.96
C PRO A 84 -16.39 -15.23 10.04
N TRP A 85 -15.19 -14.74 10.32
CA TRP A 85 -14.01 -15.15 9.58
C TRP A 85 -13.71 -16.62 9.88
N GLU A 86 -13.58 -17.43 8.82
CA GLU A 86 -13.38 -18.85 8.98
C GLU A 86 -11.89 -19.20 8.91
N LEU A 87 -11.55 -20.34 9.50
CA LEU A 87 -10.16 -20.79 9.54
C LEU A 87 -10.15 -22.30 9.73
N ASP A 88 -9.70 -23.03 8.72
CA ASP A 88 -9.56 -24.50 8.77
C ASP A 88 -8.20 -24.87 8.18
N PRO A 89 -7.12 -24.63 8.92
CA PRO A 89 -5.78 -24.83 8.38
C PRO A 89 -5.20 -26.24 8.53
N ASP A 90 -6.00 -27.22 8.97
CA ASP A 90 -5.50 -28.57 9.21
C ASP A 90 -5.23 -29.25 7.88
N TRP A 91 -3.96 -29.30 7.47
CA TRP A 91 -3.59 -29.97 6.23
C TRP A 91 -2.10 -30.25 6.24
N SER A 92 -1.73 -31.37 5.60
CA SER A 92 -0.33 -31.74 5.39
C SER A 92 -0.21 -32.27 3.97
N PRO A 93 0.36 -31.49 3.06
CA PRO A 93 0.31 -31.85 1.64
C PRO A 93 1.31 -32.93 1.27
N SER A 94 0.82 -33.97 0.59
CA SER A 94 1.69 -34.90 -0.09
C SER A 94 2.43 -34.18 -1.21
N PRO A 95 3.70 -34.49 -1.46
CA PRO A 95 4.45 -33.69 -2.43
C PRO A 95 4.06 -33.95 -3.87
N ALA A 96 4.22 -32.90 -4.68
CA ALA A 96 3.74 -32.78 -6.06
C ALA A 96 2.22 -32.59 -6.08
N GLN A 97 1.55 -32.85 -4.96
CA GLN A 97 0.19 -32.39 -4.74
C GLN A 97 0.20 -31.09 -3.97
N ALA A 98 0.93 -30.10 -4.46
CA ALA A 98 1.18 -28.86 -3.72
C ALA A 98 0.43 -27.65 -4.26
N SER A 99 0.41 -27.44 -5.57
CA SER A 99 -0.24 -26.25 -6.13
C SER A 99 -1.75 -26.28 -5.88
N GLY A 100 -2.35 -27.46 -5.97
CA GLY A 100 -3.79 -27.57 -5.78
C GLY A 100 -4.24 -27.11 -4.41
N ALA A 101 -3.46 -27.43 -3.37
CA ALA A 101 -3.81 -26.98 -2.02
C ALA A 101 -3.80 -25.46 -1.94
N ALA A 102 -2.79 -24.82 -2.55
CA ALA A 102 -2.76 -23.36 -2.58
C ALA A 102 -3.96 -22.79 -3.30
N ALA A 103 -4.34 -23.38 -4.43
CA ALA A 103 -5.50 -22.91 -5.17
C ALA A 103 -6.77 -23.02 -4.33
N LEU A 104 -6.95 -24.17 -3.67
CA LEU A 104 -8.14 -24.39 -2.85
C LEU A 104 -8.21 -23.40 -1.70
N ARG A 105 -7.08 -23.19 -1.02
CA ARG A 105 -7.04 -22.26 0.11
C ARG A 105 -7.37 -20.84 -0.34
N ASP A 106 -6.74 -20.40 -1.42
CA ASP A 106 -6.99 -19.05 -1.93
C ASP A 106 -8.45 -18.88 -2.32
N LEU A 107 -9.02 -19.89 -3.00
CA LEU A 107 -10.41 -19.77 -3.44
C LEU A 107 -11.36 -19.71 -2.25
N SER A 108 -11.13 -20.52 -1.21
CA SER A 108 -12.00 -20.46 -0.03
C SER A 108 -11.92 -19.10 0.65
N PHE A 109 -10.69 -18.59 0.83
CA PHE A 109 -10.53 -17.30 1.48
C PHE A 109 -11.23 -16.19 0.69
N PHE A 110 -11.08 -16.20 -0.64
CA PHE A 110 -11.69 -15.14 -1.42
C PHE A 110 -13.20 -15.32 -1.52
N GLY A 111 -13.71 -16.55 -1.44
CA GLY A 111 -15.14 -16.74 -1.35
C GLY A 111 -15.73 -16.12 -0.10
N GLY A 112 -15.06 -16.33 1.03
CA GLY A 112 -15.49 -15.66 2.25
C GLY A 112 -15.47 -14.15 2.12
N LEU A 113 -14.39 -13.61 1.55
CA LEU A 113 -14.29 -12.16 1.35
C LEU A 113 -15.41 -11.64 0.46
N LEU A 114 -15.70 -12.36 -0.63
CA LEU A 114 -16.74 -11.91 -1.56
C LEU A 114 -18.10 -11.93 -0.89
N ARG A 115 -18.40 -12.94 -0.09
CA ARG A 115 -19.67 -12.97 0.62
C ARG A 115 -19.80 -11.78 1.57
N ARG A 116 -18.73 -11.49 2.33
CA ARG A 116 -18.76 -10.34 3.22
C ARG A 116 -19.00 -9.05 2.46
N ALA A 117 -18.28 -8.87 1.34
CA ALA A 117 -18.44 -7.65 0.55
C ALA A 117 -19.84 -7.52 -0.04
N ALA A 118 -20.42 -8.64 -0.48
CA ALA A 118 -21.77 -8.59 -1.04
C ALA A 118 -22.78 -8.13 0.01
N CYS A 119 -22.71 -8.71 1.21
CA CYS A 119 -23.65 -8.28 2.25
C CYS A 119 -23.42 -6.83 2.64
N LEU A 120 -22.15 -6.41 2.76
CA LEU A 120 -21.88 -5.02 3.12
C LEU A 120 -22.40 -4.03 2.08
N ARG A 121 -22.20 -4.31 0.80
CA ARG A 121 -22.73 -3.44 -0.25
C ARG A 121 -24.26 -3.44 -0.26
N ARG A 122 -24.90 -4.60 -0.11
CA ARG A 122 -26.35 -4.62 -0.08
C ARG A 122 -26.91 -3.88 1.12
N CYS A 123 -26.11 -3.75 2.20
CA CYS A 123 -26.60 -3.04 3.38
C CYS A 123 -26.39 -1.53 3.25
N LEU A 124 -25.20 -1.10 2.82
CA LEU A 124 -24.84 0.32 2.93
C LEU A 124 -25.75 1.19 2.07
N GLY A 125 -25.67 1.04 0.75
CA GLY A 125 -26.49 1.83 -0.15
C GLY A 125 -25.70 2.70 -1.10
N PRO A 126 -26.26 3.84 -1.48
CA PRO A 126 -25.59 4.74 -2.44
C PRO A 126 -24.34 5.35 -1.83
N PRO A 127 -23.18 5.12 -2.43
CA PRO A 127 -21.91 5.53 -1.82
C PRO A 127 -21.44 6.93 -2.17
N ALA A 128 -22.23 7.72 -2.90
CA ALA A 128 -21.75 9.04 -3.33
C ALA A 128 -21.69 10.03 -2.17
N ALA A 129 -22.65 9.96 -1.25
CA ALA A 129 -22.75 10.97 -0.20
C ALA A 129 -21.62 10.90 0.81
N HIS A 130 -20.96 9.76 0.95
CA HIS A 130 -19.94 9.58 1.98
C HIS A 130 -18.59 10.18 1.63
N SER A 131 -18.39 10.65 0.40
CA SER A 131 -17.12 11.20 -0.03
C SER A 131 -17.15 12.72 0.11
N LEU A 132 -16.37 13.23 1.06
CA LEU A 132 -16.24 14.66 1.25
C LEU A 132 -14.76 15.02 1.31
N SER A 133 -14.42 16.19 0.79
CA SER A 133 -13.04 16.66 0.82
C SER A 133 -12.64 17.10 2.23
N GLU A 134 -11.40 17.54 2.35
CA GLU A 134 -10.82 17.82 3.67
C GLU A 134 -11.41 19.08 4.29
N GLU A 135 -11.58 20.15 3.50
CA GLU A 135 -11.85 21.47 4.07
C GLU A 135 -13.05 21.45 5.01
N MET A 136 -14.15 20.79 4.62
CA MET A 136 -15.27 20.69 5.54
C MET A 136 -14.92 19.82 6.75
N GLU A 137 -13.99 18.86 6.59
CA GLU A 137 -13.55 18.10 7.76
C GLU A 137 -12.86 19.00 8.78
N LEU A 138 -11.94 19.87 8.31
CA LEU A 138 -11.29 20.78 9.25
C LEU A 138 -12.29 21.76 9.86
N GLU A 139 -13.19 22.33 9.06
CA GLU A 139 -14.11 23.31 9.64
C GLU A 139 -15.12 22.63 10.57
N PHE A 140 -15.38 21.34 10.38
CA PHE A 140 -16.14 20.59 11.38
C PHE A 140 -15.33 20.39 12.65
N ARG A 141 -14.02 20.15 12.50
CA ARG A 141 -13.18 19.98 13.68
C ARG A 141 -13.13 21.26 14.52
N LYS A 142 -13.04 22.41 13.87
CA LYS A 142 -13.00 23.68 14.57
C LYS A 142 -14.35 24.10 15.15
N ARG A 143 -15.44 23.42 14.77
CA ARG A 143 -16.77 23.67 15.32
C ARG A 143 -17.29 25.08 15.00
N SER A 144 -16.80 25.67 13.91
CA SER A 144 -17.31 26.96 13.46
C SER A 144 -18.82 26.99 13.29
N PRO A 145 -19.48 25.93 12.78
CA PRO A 145 -20.95 25.92 12.81
C PRO A 145 -21.52 26.24 14.18
N TYR A 146 -20.85 25.85 15.26
CA TYR A 146 -21.34 26.19 16.59
C TYR A 146 -21.26 27.69 16.84
N ASN A 147 -20.21 28.35 16.32
CA ASN A 147 -20.16 29.81 16.36
C ASN A 147 -21.34 30.42 15.59
N TYR A 148 -21.65 29.84 14.43
CA TYR A 148 -22.81 30.31 13.68
C TYR A 148 -24.09 30.14 14.48
N LEU A 149 -24.25 29.00 15.15
CA LEU A 149 -25.43 28.79 15.99
C LEU A 149 -25.50 29.79 17.12
N GLN A 150 -24.38 30.07 17.79
CA GLN A 150 -24.42 31.01 18.90
C GLN A 150 -24.82 32.40 18.42
N VAL A 151 -24.27 32.83 17.28
CA VAL A 151 -24.64 34.14 16.74
C VAL A 151 -26.13 34.16 16.39
N ALA A 152 -26.61 33.12 15.70
CA ALA A 152 -28.01 33.09 15.29
C ALA A 152 -28.94 33.05 16.50
N TYR A 153 -28.61 32.23 17.50
CA TYR A 153 -29.46 32.10 18.68
C TYR A 153 -29.49 33.40 19.47
N PHE A 154 -28.37 34.12 19.51
CA PHE A 154 -28.42 35.45 20.11
C PHE A 154 -29.29 36.39 19.29
N LYS A 155 -29.28 36.23 17.97
CA LYS A 155 -30.12 37.08 17.14
C LYS A 155 -31.61 36.87 17.40
N ILE A 156 -32.00 35.66 17.80
CA ILE A 156 -33.41 35.33 18.00
C ILE A 156 -33.73 35.08 19.48
N ASN A 157 -32.87 35.55 20.38
CA ASN A 157 -33.12 35.47 21.83
C ASN A 157 -33.36 34.04 22.29
N LYS A 158 -32.32 33.21 22.14
CA LYS A 158 -32.33 31.81 22.53
C LYS A 158 -31.15 31.52 23.44
N LEU A 159 -31.05 32.32 24.52
CA LEU A 159 -29.81 32.46 25.27
C LEU A 159 -29.23 31.13 25.75
N GLU A 160 -30.07 30.15 26.08
CA GLU A 160 -29.55 28.89 26.60
C GLU A 160 -28.69 28.18 25.56
N LYS A 161 -29.23 27.99 24.35
CA LYS A 161 -28.45 27.36 23.29
C LYS A 161 -27.27 28.23 22.87
N ALA A 162 -27.43 29.55 22.95
CA ALA A 162 -26.34 30.45 22.61
C ALA A 162 -25.14 30.24 23.54
N VAL A 163 -25.39 30.22 24.85
CA VAL A 163 -24.30 30.01 25.79
C VAL A 163 -23.76 28.59 25.69
N ALA A 164 -24.61 27.61 25.35
CA ALA A 164 -24.10 26.26 25.13
C ALA A 164 -23.11 26.23 23.97
N ALA A 165 -23.48 26.86 22.86
CA ALA A 165 -22.59 26.91 21.70
C ALA A 165 -21.32 27.68 22.01
N ALA A 166 -21.43 28.80 22.72
CA ALA A 166 -20.24 29.56 23.08
C ALA A 166 -19.31 28.73 23.96
N HIS A 167 -19.86 28.00 24.93
CA HIS A 167 -19.03 27.18 25.81
C HIS A 167 -18.35 26.06 25.04
N THR A 168 -19.08 25.40 24.14
CA THR A 168 -18.46 24.29 23.43
C THR A 168 -17.40 24.77 22.44
N PHE A 169 -17.60 25.94 21.82
CA PHE A 169 -16.55 26.49 20.97
C PHE A 169 -15.34 26.91 21.79
N PHE A 170 -15.56 27.50 22.98
CA PHE A 170 -14.45 27.87 23.83
C PHE A 170 -13.65 26.63 24.25
N VAL A 171 -14.34 25.57 24.66
CA VAL A 171 -13.66 24.35 25.06
C VAL A 171 -12.90 23.74 23.88
N GLY A 172 -13.53 23.75 22.71
CA GLY A 172 -12.86 23.21 21.53
C GLY A 172 -11.61 23.97 21.16
N ASN A 173 -11.66 25.31 21.24
CA ASN A 173 -10.51 26.15 20.91
C ASN A 173 -10.45 27.30 21.92
N PRO A 174 -9.61 27.19 22.96
CA PRO A 174 -9.51 28.23 23.98
C PRO A 174 -8.46 29.31 23.67
N GLU A 175 -8.56 29.91 22.49
CA GLU A 175 -7.64 30.97 22.08
C GLU A 175 -8.41 32.14 21.49
N HIS A 176 -9.60 32.42 22.02
CA HIS A 176 -10.44 33.52 21.53
C HIS A 176 -10.99 34.28 22.72
N MET A 177 -10.31 35.37 23.09
CA MET A 177 -10.74 36.19 24.22
C MET A 177 -12.11 36.81 23.98
N GLU A 178 -12.42 37.10 22.71
CA GLU A 178 -13.66 37.80 22.38
C GLU A 178 -14.87 36.98 22.82
N MET A 179 -14.85 35.67 22.59
CA MET A 179 -15.97 34.86 23.03
C MET A 179 -15.97 34.65 24.54
N GLN A 180 -14.82 34.80 25.21
CA GLN A 180 -14.83 34.89 26.67
C GLN A 180 -15.65 36.09 27.12
N GLN A 181 -15.38 37.26 26.54
CA GLN A 181 -16.24 38.41 26.82
C GLN A 181 -17.68 38.12 26.44
N ASN A 182 -17.90 37.32 25.39
CA ASN A 182 -19.25 37.00 24.95
C ASN A 182 -20.01 36.24 26.03
N LEU A 183 -19.45 35.14 26.54
CA LEU A 183 -20.23 34.43 27.56
C LEU A 183 -20.22 35.17 28.89
N ASP A 184 -19.25 36.06 29.13
CA ASP A 184 -19.34 36.92 30.32
C ASP A 184 -20.56 37.83 30.23
N TYR A 185 -20.75 38.48 29.07
CA TYR A 185 -21.92 39.32 28.87
C TYR A 185 -23.20 38.49 28.88
N TYR A 186 -23.14 37.24 28.40
CA TYR A 186 -24.29 36.35 28.51
C TYR A 186 -24.62 36.06 29.97
N GLN A 187 -23.61 35.86 30.80
CA GLN A 187 -23.82 35.65 32.22
C GLN A 187 -24.30 36.91 32.93
N THR A 188 -24.05 38.09 32.36
CA THR A 188 -24.51 39.32 33.00
C THR A 188 -26.04 39.36 33.11
N MET A 189 -26.74 38.97 32.04
CA MET A 189 -28.19 38.98 32.04
C MET A 189 -28.73 37.64 32.53
N SER A 190 -29.91 37.68 33.14
CA SER A 190 -30.41 36.60 33.99
C SER A 190 -30.73 35.36 33.16
N GLY A 191 -31.17 34.31 33.87
CA GLY A 191 -31.51 33.04 33.24
C GLY A 191 -30.34 32.13 32.96
N VAL A 192 -29.14 32.46 33.44
CA VAL A 192 -27.94 31.70 33.17
C VAL A 192 -27.44 31.08 34.48
N LYS A 193 -27.04 29.82 34.42
CA LYS A 193 -26.56 29.10 35.57
C LYS A 193 -25.20 28.46 35.26
N GLU A 194 -24.44 28.18 36.32
CA GLU A 194 -23.16 27.50 36.14
C GLU A 194 -23.35 26.10 35.57
N ALA A 195 -24.38 25.39 36.03
CA ALA A 195 -24.64 24.04 35.53
C ALA A 195 -25.08 24.03 34.08
N ASP A 196 -25.53 25.17 33.54
CA ASP A 196 -25.92 25.23 32.14
C ASP A 196 -24.75 25.02 31.19
N PHE A 197 -23.51 25.17 31.67
CA PHE A 197 -22.33 25.01 30.83
C PHE A 197 -22.11 23.53 30.57
N LYS A 198 -22.84 23.01 29.59
CA LYS A 198 -22.76 21.61 29.19
C LYS A 198 -22.14 21.51 27.80
N ASP A 199 -21.16 20.62 27.67
CA ASP A 199 -20.56 20.34 26.38
C ASP A 199 -21.51 19.54 25.50
N LEU A 200 -21.30 19.64 24.20
CA LEU A 200 -22.14 18.95 23.22
C LEU A 200 -21.32 18.12 22.25
N GLU A 201 -19.99 18.20 22.32
CA GLU A 201 -19.15 17.52 21.32
C GLU A 201 -18.15 16.55 21.93
N THR A 202 -17.59 16.87 23.09
CA THR A 202 -16.59 16.00 23.69
C THR A 202 -17.19 14.66 24.09
N GLN A 203 -16.41 13.60 23.90
CA GLN A 203 -16.90 12.25 24.14
C GLN A 203 -17.11 12.00 25.63
N PRO A 204 -17.97 11.02 25.98
CA PRO A 204 -18.32 10.86 27.39
C PRO A 204 -17.18 10.37 28.27
N HIS A 205 -16.36 9.43 27.78
CA HIS A 205 -15.35 8.82 28.63
C HIS A 205 -14.32 9.84 29.09
N MET A 206 -13.88 10.72 28.20
CA MET A 206 -12.89 11.73 28.56
C MET A 206 -13.43 12.67 29.63
N GLN A 207 -14.67 13.13 29.46
CA GLN A 207 -15.28 14.02 30.45
C GLN A 207 -15.44 13.31 31.80
N GLU A 208 -15.88 12.06 31.78
CA GLU A 208 -16.03 11.32 33.03
C GLU A 208 -14.68 11.14 33.73
N PHE A 209 -13.64 10.80 32.97
CA PHE A 209 -12.32 10.61 33.57
C PHE A 209 -11.78 11.90 34.16
N ARG A 210 -11.92 13.01 33.42
CA ARG A 210 -11.45 14.29 33.94
C ARG A 210 -12.22 14.69 35.19
N LEU A 211 -13.53 14.51 35.20
CA LEU A 211 -14.32 14.85 36.38
C LEU A 211 -13.90 13.99 37.56
N GLY A 212 -13.68 12.70 37.34
CA GLY A 212 -13.27 11.82 38.43
C GLY A 212 -11.93 12.23 39.01
N VAL A 213 -10.95 12.51 38.16
CA VAL A 213 -9.63 12.90 38.63
C VAL A 213 -9.71 14.22 39.38
N ARG A 214 -10.42 15.20 38.81
CA ARG A 214 -10.52 16.51 39.45
C ARG A 214 -11.19 16.39 40.82
N LEU A 215 -12.26 15.60 40.91
CA LEU A 215 -13.05 15.55 42.13
C LEU A 215 -12.44 14.59 43.15
N TYR A 216 -11.53 13.72 42.72
CA TYR A 216 -10.68 12.98 43.63
C TYR A 216 -9.51 13.79 44.14
N SER A 217 -9.08 14.81 43.37
CA SER A 217 -8.01 15.68 43.82
C SER A 217 -8.34 16.37 45.14
N GLU A 218 -9.62 16.53 45.48
CA GLU A 218 -10.02 17.10 46.75
C GLU A 218 -9.97 16.10 47.90
N GLU A 219 -9.32 14.95 47.70
CA GLU A 219 -9.12 13.94 48.76
C GLU A 219 -10.45 13.44 49.31
N GLN A 220 -11.43 13.28 48.43
CA GLN A 220 -12.72 12.69 48.79
C GLN A 220 -12.86 11.35 48.09
N PRO A 221 -12.72 10.22 48.80
CA PRO A 221 -12.53 8.93 48.11
C PRO A 221 -13.79 8.25 47.63
N GLN A 222 -14.93 8.51 48.27
CA GLN A 222 -16.13 7.74 47.97
C GLN A 222 -16.57 7.91 46.51
N GLU A 223 -17.04 9.11 46.17
CA GLU A 223 -17.52 9.41 44.83
C GLU A 223 -16.47 9.18 43.76
N ALA A 224 -15.22 8.92 44.17
CA ALA A 224 -14.16 8.66 43.20
C ALA A 224 -14.33 7.30 42.54
N VAL A 225 -14.72 6.27 43.30
CA VAL A 225 -14.73 4.91 42.74
C VAL A 225 -15.74 4.74 41.60
N PRO A 226 -17.01 5.20 41.71
CA PRO A 226 -17.98 4.86 40.66
C PRO A 226 -17.64 5.54 39.34
N HIS A 227 -17.42 6.86 39.37
CA HIS A 227 -17.18 7.61 38.13
C HIS A 227 -16.06 6.98 37.31
N LEU A 228 -14.90 6.76 37.95
CA LEU A 228 -13.78 6.14 37.25
C LEU A 228 -14.17 4.79 36.67
N GLU A 229 -14.88 3.98 37.46
CA GLU A 229 -15.35 2.69 36.96
C GLU A 229 -16.19 2.89 35.71
N ALA A 230 -17.13 3.85 35.74
CA ALA A 230 -17.86 4.18 34.53
C ALA A 230 -16.90 4.62 33.45
N ALA A 231 -15.98 5.53 33.79
CA ALA A 231 -14.99 6.00 32.84
C ALA A 231 -14.16 4.85 32.28
N LEU A 232 -14.07 3.74 33.01
CA LEU A 232 -13.45 2.55 32.44
C LEU A 232 -14.32 1.96 31.33
N GLN A 233 -15.55 1.57 31.67
CA GLN A 233 -16.35 0.76 30.76
C GLN A 233 -16.51 1.45 29.41
N GLU A 234 -16.97 2.70 29.42
CA GLU A 234 -17.20 3.44 28.19
C GLU A 234 -15.98 3.39 27.28
N TYR A 235 -14.78 3.57 27.88
CA TYR A 235 -13.55 3.54 27.09
C TYR A 235 -13.52 2.33 26.18
N PHE A 236 -13.64 1.13 26.75
CA PHE A 236 -13.58 -0.07 25.94
C PHE A 236 -14.61 -0.01 24.83
N VAL A 237 -15.86 0.29 25.18
CA VAL A 237 -16.90 0.43 24.17
C VAL A 237 -16.48 1.44 23.13
N ALA A 238 -16.04 2.62 23.58
CA ALA A 238 -15.61 3.66 22.65
C ALA A 238 -14.52 3.14 21.73
N TYR A 239 -13.54 2.43 22.31
CA TYR A 239 -12.45 1.88 21.51
C TYR A 239 -13.01 1.05 20.36
N GLU A 240 -13.97 0.17 20.66
CA GLU A 240 -14.53 -0.70 19.64
C GLU A 240 -15.00 0.10 18.44
N GLU A 241 -15.71 1.21 18.70
CA GLU A 241 -16.28 1.97 17.60
C GLU A 241 -15.17 2.52 16.70
N CYS A 242 -14.08 3.00 17.29
CA CYS A 242 -12.98 3.49 16.46
C CYS A 242 -12.45 2.38 15.56
N ARG A 243 -12.33 1.16 16.10
CA ARG A 243 -11.83 0.05 15.31
C ARG A 243 -12.74 -0.25 14.14
N ALA A 244 -14.02 0.14 14.21
CA ALA A 244 -14.96 -0.09 13.12
C ALA A 244 -15.10 1.11 12.19
N LEU A 245 -14.33 2.18 12.41
CA LEU A 245 -14.38 3.35 11.56
C LEU A 245 -13.03 3.66 10.92
N CYS A 246 -12.18 2.66 10.77
CA CYS A 246 -10.85 2.84 10.19
C CYS A 246 -10.76 2.26 8.78
N GLU A 247 -11.67 1.39 8.38
CA GLU A 247 -11.65 0.78 7.05
C GLU A 247 -12.12 1.81 6.03
N GLY A 248 -11.21 2.69 5.65
CA GLY A 248 -11.51 3.76 4.72
C GLY A 248 -10.80 3.61 3.40
N PRO A 249 -11.03 4.56 2.50
CA PRO A 249 -10.38 4.49 1.18
C PRO A 249 -8.86 4.61 1.28
N TYR A 250 -8.19 4.02 0.31
CA TYR A 250 -6.74 4.10 0.25
C TYR A 250 -6.29 5.54 0.08
N ASP A 251 -5.06 5.84 0.50
CA ASP A 251 -4.51 7.19 0.48
C ASP A 251 -3.36 7.22 -0.51
N TYR A 252 -3.67 7.49 -1.77
CA TYR A 252 -2.65 7.65 -2.79
C TYR A 252 -1.85 8.93 -2.56
N ASP A 253 -0.57 8.88 -2.91
CA ASP A 253 0.31 10.04 -2.77
C ASP A 253 0.05 11.01 -3.92
N GLY A 254 -1.06 11.73 -3.79
CA GLY A 254 -1.43 12.72 -4.80
C GLY A 254 -1.74 12.11 -6.15
N TYR A 255 -0.84 12.30 -7.11
CA TYR A 255 -1.02 11.86 -8.48
C TYR A 255 -0.33 10.54 -8.77
N ASN A 256 0.14 9.82 -7.74
CA ASN A 256 0.87 8.58 -7.96
C ASN A 256 -0.02 7.40 -8.35
N TYR A 257 -1.32 7.62 -8.57
CA TYR A 257 -2.16 6.51 -9.01
C TYR A 257 -2.19 6.36 -10.52
N LEU A 258 -1.62 7.31 -11.26
CA LEU A 258 -1.54 7.16 -12.70
C LEU A 258 -0.53 6.09 -13.11
N GLU A 259 0.59 6.01 -12.39
CA GLU A 259 1.62 5.01 -12.66
C GLU A 259 1.68 3.93 -11.59
N TYR A 260 0.56 3.67 -10.90
CA TYR A 260 0.49 2.58 -9.95
C TYR A 260 0.44 1.25 -10.70
N ASN A 261 1.36 0.35 -10.37
CA ASN A 261 1.50 -0.93 -11.06
C ASN A 261 1.62 -2.06 -10.06
N ALA A 262 0.76 -2.09 -9.05
CA ALA A 262 0.85 -3.07 -7.99
C ALA A 262 0.02 -4.31 -8.32
N ASP A 263 0.57 -5.47 -7.99
CA ASP A 263 -0.14 -6.72 -8.17
C ASP A 263 -1.19 -6.89 -7.07
N LEU A 264 -2.03 -7.92 -7.21
CA LEU A 264 -3.11 -8.14 -6.25
C LEU A 264 -2.58 -8.35 -4.84
N PHE A 265 -1.61 -9.24 -4.70
CA PHE A 265 -1.05 -9.54 -3.37
C PHE A 265 -0.19 -8.40 -2.84
N GLN A 266 0.15 -7.42 -3.67
CA GLN A 266 0.73 -6.19 -3.15
C GLN A 266 -0.35 -5.21 -2.71
N ALA A 267 -1.47 -5.16 -3.43
CA ALA A 267 -2.59 -4.31 -3.02
C ALA A 267 -3.13 -4.72 -1.68
N ILE A 268 -3.31 -6.03 -1.45
CA ILE A 268 -3.81 -6.49 -0.16
C ILE A 268 -2.86 -6.07 0.95
N THR A 269 -1.56 -6.32 0.76
CA THR A 269 -0.59 -6.01 1.80
C THR A 269 -0.54 -4.52 2.10
N ASP A 270 -0.50 -3.68 1.06
CA ASP A 270 -0.41 -2.24 1.30
C ASP A 270 -1.67 -1.71 1.97
N HIS A 271 -2.84 -2.11 1.46
CA HIS A 271 -4.08 -1.62 2.04
C HIS A 271 -4.24 -2.07 3.49
N TYR A 272 -3.94 -3.34 3.77
CA TYR A 272 -4.09 -3.84 5.13
C TYR A 272 -3.07 -3.22 6.07
N ILE A 273 -1.85 -2.97 5.59
CA ILE A 273 -0.86 -2.33 6.44
C ILE A 273 -1.31 -0.91 6.79
N GLN A 274 -1.83 -0.17 5.82
CA GLN A 274 -2.35 1.16 6.12
C GLN A 274 -3.52 1.09 7.10
N VAL A 275 -4.43 0.12 6.91
CA VAL A 275 -5.58 0.00 7.79
C VAL A 275 -5.12 -0.33 9.21
N LEU A 276 -4.16 -1.24 9.34
CA LEU A 276 -3.66 -1.60 10.67
C LEU A 276 -2.96 -0.43 11.34
N ASN A 277 -2.20 0.34 10.56
CA ASN A 277 -1.56 1.54 11.10
C ASN A 277 -2.60 2.53 11.59
N CYS A 278 -3.66 2.74 10.82
CA CYS A 278 -4.69 3.69 11.24
C CYS A 278 -5.46 3.17 12.44
N LYS A 279 -5.59 1.85 12.57
CA LYS A 279 -6.20 1.28 13.77
C LYS A 279 -5.33 1.53 15.00
N GLN A 280 -4.04 1.23 14.89
CA GLN A 280 -3.15 1.37 16.04
C GLN A 280 -2.88 2.83 16.37
N ASN A 281 -3.14 3.75 15.43
CA ASN A 281 -3.00 5.17 15.74
C ASN A 281 -4.12 5.69 16.63
N CYS A 282 -5.15 4.89 16.88
CA CYS A 282 -6.30 5.38 17.63
C CYS A 282 -6.01 5.54 19.12
N VAL A 283 -5.14 4.72 19.70
CA VAL A 283 -4.90 4.79 21.14
C VAL A 283 -4.14 6.05 21.53
N THR A 284 -3.60 6.79 20.56
CA THR A 284 -3.02 8.10 20.82
C THR A 284 -3.96 9.24 20.48
N GLU A 285 -5.15 8.94 19.99
CA GLU A 285 -6.17 9.94 19.70
C GLU A 285 -7.31 9.93 20.69
N LEU A 286 -7.62 8.78 21.28
CA LEU A 286 -8.68 8.67 22.28
C LEU A 286 -8.33 9.38 23.58
N ALA A 287 -7.07 9.77 23.76
CA ALA A 287 -6.62 10.43 24.98
C ALA A 287 -6.05 11.81 24.71
N SER A 288 -6.47 12.46 23.64
CA SER A 288 -6.01 13.80 23.29
C SER A 288 -7.19 14.77 23.34
N HIS A 289 -7.20 15.60 24.38
CA HIS A 289 -8.24 16.61 24.56
C HIS A 289 -7.73 17.96 24.06
N PRO A 290 -8.53 18.72 23.32
CA PRO A 290 -8.01 19.97 22.73
C PRO A 290 -7.59 21.01 23.74
N SER A 291 -8.07 20.95 24.99
CA SER A 291 -7.58 21.88 26.00
C SER A 291 -6.10 21.67 26.29
N ARG A 292 -5.67 20.42 26.37
CA ARG A 292 -4.27 20.08 26.57
C ARG A 292 -3.53 20.07 25.24
N GLU A 293 -2.27 20.50 25.25
CA GLU A 293 -1.49 20.57 24.03
C GLU A 293 -0.84 19.24 23.67
N LYS A 294 -0.82 18.28 24.57
CA LYS A 294 -0.18 16.99 24.35
C LYS A 294 -1.08 15.87 24.87
N PRO A 295 -1.03 14.70 24.24
CA PRO A 295 -1.86 13.58 24.69
C PRO A 295 -1.43 13.07 26.06
N PHE A 296 -2.39 12.48 26.78
CA PHE A 296 -2.09 11.84 28.04
C PHE A 296 -1.18 10.63 27.84
N GLU A 297 -0.49 10.23 28.89
CA GLU A 297 0.49 9.16 28.84
C GLU A 297 0.02 7.98 29.68
N ASP A 298 0.08 6.78 29.09
CA ASP A 298 -0.25 5.53 29.78
C ASP A 298 -1.65 5.59 30.38
N PHE A 299 -2.64 5.69 29.48
CA PHE A 299 -4.01 5.96 29.89
C PHE A 299 -4.56 4.88 30.79
N LEU A 300 -4.65 3.65 30.28
CA LEU A 300 -5.21 2.55 31.07
C LEU A 300 -4.42 2.26 32.34
N PRO A 301 -3.09 2.18 32.32
CA PRO A 301 -2.38 2.02 33.60
C PRO A 301 -2.65 3.12 34.59
N SER A 302 -2.76 4.37 34.13
CA SER A 302 -3.10 5.46 35.06
C SER A 302 -4.49 5.27 35.63
N HIS A 303 -5.44 4.85 34.79
CA HIS A 303 -6.77 4.49 35.27
C HIS A 303 -6.68 3.48 36.41
N TYR A 304 -5.92 2.41 36.17
CA TYR A 304 -5.84 1.34 37.16
C TYR A 304 -5.15 1.79 38.44
N ASN A 305 -4.12 2.65 38.31
CA ASN A 305 -3.42 3.15 39.48
C ASN A 305 -4.34 4.01 40.34
N TYR A 306 -5.05 4.96 39.72
CA TYR A 306 -6.00 5.77 40.47
C TYR A 306 -7.09 4.91 41.10
N LEU A 307 -7.56 3.90 40.35
CA LEU A 307 -8.59 3.02 40.88
C LEU A 307 -8.10 2.26 42.11
N GLN A 308 -6.87 1.75 42.07
CA GLN A 308 -6.37 0.99 43.21
C GLN A 308 -6.16 1.89 44.42
N PHE A 309 -5.66 3.11 44.19
CA PHE A 309 -5.49 4.03 45.32
C PHE A 309 -6.83 4.38 45.96
N ALA A 310 -7.83 4.71 45.14
CA ALA A 310 -9.15 5.03 45.68
C ALA A 310 -9.76 3.82 46.38
N TYR A 311 -9.60 2.63 45.79
CA TYR A 311 -10.16 1.43 46.39
C TYR A 311 -9.54 1.14 47.75
N TYR A 312 -8.22 1.31 47.87
CA TYR A 312 -7.61 1.13 49.19
C TYR A 312 -8.10 2.16 50.18
N ASN A 313 -8.22 3.43 49.75
CA ASN A 313 -8.69 4.45 50.68
C ASN A 313 -10.11 4.16 51.16
N ILE A 314 -10.95 3.61 50.27
CA ILE A 314 -12.33 3.30 50.67
C ILE A 314 -12.36 2.06 51.57
N GLY A 315 -11.45 1.11 51.34
CA GLY A 315 -11.41 -0.08 52.15
C GLY A 315 -11.92 -1.34 51.48
N ASN A 316 -12.04 -1.32 50.15
CA ASN A 316 -12.40 -2.51 49.38
C ASN A 316 -11.09 -3.20 49.01
N TYR A 317 -10.67 -4.13 49.86
CA TYR A 317 -9.29 -4.59 49.83
C TYR A 317 -9.05 -5.56 48.67
N THR A 318 -9.99 -6.47 48.43
CA THR A 318 -9.84 -7.42 47.33
C THR A 318 -9.82 -6.71 45.99
N GLN A 319 -10.69 -5.72 45.80
CA GLN A 319 -10.66 -4.94 44.57
C GLN A 319 -9.33 -4.22 44.42
N ALA A 320 -8.75 -3.77 45.54
CA ALA A 320 -7.47 -3.08 45.50
C ALA A 320 -6.36 -4.02 45.04
N VAL A 321 -6.29 -5.22 45.61
CA VAL A 321 -5.25 -6.15 45.19
C VAL A 321 -5.47 -6.58 43.74
N GLU A 322 -6.74 -6.68 43.32
CA GLU A 322 -7.02 -6.99 41.92
C GLU A 322 -6.48 -5.91 41.00
N CYS A 323 -6.73 -4.63 41.34
CA CYS A 323 -6.27 -3.54 40.50
C CYS A 323 -4.74 -3.47 40.46
N ALA A 324 -4.10 -3.67 41.61
CA ALA A 324 -2.64 -3.70 41.63
C ALA A 324 -2.10 -4.81 40.76
N LYS A 325 -2.70 -6.01 40.85
CA LYS A 325 -2.23 -7.13 40.03
C LYS A 325 -2.42 -6.85 38.55
N THR A 326 -3.56 -6.30 38.15
CA THR A 326 -3.75 -6.05 36.73
C THR A 326 -2.88 -4.91 36.22
N TYR A 327 -2.47 -3.97 37.08
CA TYR A 327 -1.43 -3.04 36.67
C TYR A 327 -0.11 -3.78 36.46
N LEU A 328 0.24 -4.68 37.39
CA LEU A 328 1.52 -5.37 37.32
C LEU A 328 1.67 -6.22 36.07
N LEU A 329 0.56 -6.49 35.37
CA LEU A 329 0.62 -7.20 34.11
C LEU A 329 1.18 -6.33 32.99
N PHE A 330 1.11 -5.00 33.12
CA PHE A 330 1.56 -4.09 32.07
C PHE A 330 3.06 -3.78 32.19
N PHE A 331 3.47 -3.19 33.31
CA PHE A 331 4.90 -3.04 33.62
C PHE A 331 5.26 -4.03 34.71
N PRO A 332 5.97 -5.12 34.40
CA PRO A 332 6.30 -6.10 35.42
C PRO A 332 7.48 -5.72 36.31
N ASN A 333 8.02 -4.52 36.18
CA ASN A 333 9.25 -4.12 36.88
C ASN A 333 9.10 -2.75 37.52
N ASP A 334 8.02 -2.55 38.28
CA ASP A 334 7.79 -1.30 38.99
C ASP A 334 7.96 -1.56 40.49
N GLU A 335 8.80 -0.75 41.14
CA GLU A 335 9.19 -1.03 42.52
C GLU A 335 8.14 -0.58 43.52
N VAL A 336 7.60 0.63 43.37
CA VAL A 336 6.69 1.17 44.37
C VAL A 336 5.44 0.30 44.48
N MET A 337 4.89 -0.11 43.34
CA MET A 337 3.72 -0.96 43.36
C MET A 337 4.04 -2.38 43.77
N ASN A 338 5.27 -2.84 43.54
CA ASN A 338 5.70 -4.11 44.14
C ASN A 338 5.63 -4.04 45.65
N GLN A 339 6.11 -2.92 46.22
CA GLN A 339 6.01 -2.72 47.66
C GLN A 339 4.56 -2.66 48.11
N ASN A 340 3.71 -1.96 47.33
CA ASN A 340 2.30 -1.85 47.69
C ASN A 340 1.61 -3.22 47.70
N LEU A 341 1.88 -4.02 46.67
CA LEU A 341 1.28 -5.35 46.60
C LEU A 341 1.82 -6.25 47.72
N ALA A 342 3.11 -6.14 48.02
CA ALA A 342 3.66 -6.90 49.15
C ALA A 342 3.02 -6.50 50.46
N TYR A 343 2.79 -5.19 50.66
CA TYR A 343 2.17 -4.73 51.89
C TYR A 343 0.73 -5.23 51.99
N TYR A 344 -0.01 -5.17 50.88
CA TYR A 344 -1.37 -5.71 50.86
C TYR A 344 -1.37 -7.20 51.16
N ALA A 345 -0.41 -7.94 50.58
CA ALA A 345 -0.39 -9.39 50.74
C ALA A 345 0.06 -9.79 52.14
N ALA A 346 0.91 -9.00 52.79
CA ALA A 346 1.29 -9.27 54.16
C ALA A 346 0.15 -8.96 55.11
N MET A 347 -0.53 -7.83 54.89
CA MET A 347 -1.69 -7.47 55.72
C MET A 347 -2.83 -8.47 55.53
N LEU A 348 -3.11 -8.86 54.29
CA LEU A 348 -4.21 -9.76 53.98
C LEU A 348 -3.76 -11.21 54.02
N GLY A 349 -4.72 -12.12 54.21
CA GLY A 349 -4.44 -13.53 54.09
C GLY A 349 -3.91 -13.88 52.71
N GLU A 350 -2.85 -14.67 52.67
CA GLU A 350 -2.17 -14.97 51.41
C GLU A 350 -3.07 -15.74 50.45
N GLU A 351 -3.99 -16.56 50.99
CA GLU A 351 -4.89 -17.32 50.13
C GLU A 351 -5.77 -16.40 49.29
N HIS A 352 -6.29 -15.34 49.90
CA HIS A 352 -7.08 -14.36 49.14
C HIS A 352 -6.22 -13.66 48.09
N THR A 353 -4.97 -13.34 48.43
CA THR A 353 -4.07 -12.74 47.45
C THR A 353 -3.87 -13.65 46.25
N ARG A 354 -3.78 -14.96 46.49
CA ARG A 354 -3.67 -15.91 45.39
C ARG A 354 -4.99 -16.04 44.63
N SER A 355 -6.12 -15.84 45.32
CA SER A 355 -7.42 -16.16 44.73
C SER A 355 -7.72 -15.30 43.50
N ILE A 356 -7.44 -14.01 43.57
CA ILE A 356 -7.90 -13.10 42.54
C ILE A 356 -6.77 -12.81 41.54
N GLY A 357 -7.10 -12.87 40.26
CA GLY A 357 -6.17 -12.52 39.21
C GLY A 357 -6.51 -11.21 38.54
N PRO A 358 -5.83 -10.89 37.44
CA PRO A 358 -6.08 -9.61 36.75
C PRO A 358 -7.40 -9.58 36.02
N ARG A 359 -7.87 -8.37 35.69
CA ARG A 359 -9.09 -8.22 34.91
C ARG A 359 -8.93 -8.83 33.53
N GLU A 360 -9.95 -9.56 33.09
CA GLU A 360 -9.86 -10.31 31.84
C GLU A 360 -9.81 -9.39 30.63
N SER A 361 -10.61 -8.32 30.64
CA SER A 361 -10.71 -7.44 29.49
C SER A 361 -9.36 -6.79 29.17
N ALA A 362 -8.63 -6.36 30.20
CA ALA A 362 -7.31 -5.80 29.99
C ALA A 362 -6.37 -6.81 29.35
N LYS A 363 -6.44 -8.06 29.79
CA LYS A 363 -5.61 -9.12 29.20
C LYS A 363 -5.92 -9.29 27.72
N GLU A 364 -7.22 -9.33 27.37
CA GLU A 364 -7.60 -9.50 25.98
C GLU A 364 -7.12 -8.33 25.12
N TYR A 365 -7.30 -7.10 25.64
CA TYR A 365 -6.85 -5.91 24.94
C TYR A 365 -5.34 -5.94 24.71
N ARG A 366 -4.60 -6.32 25.73
CA ARG A 366 -3.14 -6.41 25.61
C ARG A 366 -2.74 -7.44 24.55
N GLN A 367 -3.40 -8.61 24.55
CA GLN A 367 -3.03 -9.64 23.58
C GLN A 367 -3.25 -9.14 22.16
N ARG A 368 -4.43 -8.55 21.91
CA ARG A 368 -4.72 -8.06 20.57
C ARG A 368 -3.70 -7.01 20.13
N SER A 369 -3.44 -6.04 21.02
CA SER A 369 -2.51 -4.96 20.68
C SER A 369 -1.11 -5.49 20.42
N LEU A 370 -0.65 -6.44 21.24
CA LEU A 370 0.70 -6.97 21.07
C LEU A 370 0.84 -7.71 19.75
N LEU A 371 -0.15 -8.52 19.38
CA LEU A 371 -0.08 -9.19 18.09
C LEU A 371 -0.04 -8.19 16.95
N GLU A 372 -0.88 -7.15 17.02
CA GLU A 372 -0.90 -6.14 15.98
C GLU A 372 0.46 -5.44 15.86
N LYS A 373 1.06 -5.11 17.00
CA LYS A 373 2.37 -4.46 16.99
C LYS A 373 3.43 -5.37 16.39
N GLU A 374 3.38 -6.66 16.69
CA GLU A 374 4.34 -7.59 16.11
C GLU A 374 4.24 -7.58 14.58
N LEU A 375 3.02 -7.69 14.05
CA LEU A 375 2.84 -7.67 12.61
C LEU A 375 3.35 -6.38 11.99
N LEU A 376 3.01 -5.24 12.61
CA LEU A 376 3.40 -3.96 12.05
C LEU A 376 4.91 -3.79 12.07
N PHE A 377 5.58 -4.24 13.13
CA PHE A 377 7.04 -4.13 13.17
C PHE A 377 7.70 -5.04 12.14
N PHE A 378 7.14 -6.22 11.89
CA PHE A 378 7.66 -7.04 10.80
C PHE A 378 7.53 -6.31 9.46
N ALA A 379 6.39 -5.66 9.24
CA ALA A 379 6.19 -4.91 8.01
C ALA A 379 7.22 -3.78 7.89
N TYR A 380 7.46 -3.06 8.99
CA TYR A 380 8.47 -2.00 8.98
C TYR A 380 9.86 -2.55 8.67
N ASP A 381 10.19 -3.71 9.23
CA ASP A 381 11.50 -4.31 8.98
C ASP A 381 11.67 -4.66 7.51
N VAL A 382 10.65 -5.25 6.90
CA VAL A 382 10.82 -5.79 5.55
C VAL A 382 10.53 -4.74 4.48
N PHE A 383 9.29 -4.24 4.43
CA PHE A 383 8.88 -3.40 3.31
C PHE A 383 9.38 -1.96 3.40
N GLY A 384 9.97 -1.56 4.53
CA GLY A 384 10.39 -0.18 4.68
C GLY A 384 9.26 0.81 4.74
N ILE A 385 8.14 0.43 5.35
CA ILE A 385 7.02 1.32 5.59
C ILE A 385 7.10 1.79 7.04
N PRO A 386 7.28 3.08 7.30
CA PRO A 386 7.59 3.53 8.67
C PRO A 386 6.42 3.33 9.63
N PHE A 387 6.77 3.23 10.91
CA PHE A 387 5.79 3.11 11.98
C PHE A 387 6.44 3.56 13.28
N VAL A 388 5.65 4.19 14.15
CA VAL A 388 6.11 4.65 15.44
C VAL A 388 5.17 4.11 16.51
N ASP A 389 5.75 3.54 17.56
CA ASP A 389 4.96 2.93 18.62
C ASP A 389 4.22 4.03 19.39
N PRO A 390 2.90 3.92 19.55
CA PRO A 390 2.16 4.89 20.37
C PRO A 390 2.06 4.56 21.85
N ASP A 391 2.52 3.38 22.26
CA ASP A 391 2.43 2.94 23.65
C ASP A 391 3.83 2.71 24.20
N SER A 392 3.96 2.86 25.53
CA SER A 392 5.25 2.73 26.19
C SER A 392 5.43 1.41 26.93
N TRP A 393 4.46 0.49 26.86
CA TRP A 393 4.49 -0.74 27.65
C TRP A 393 4.83 -1.98 26.84
N THR A 394 5.23 -1.84 25.59
CA THR A 394 5.53 -3.02 24.79
C THR A 394 6.80 -3.69 25.31
N PRO A 395 6.79 -5.01 25.45
CA PRO A 395 8.04 -5.72 25.77
C PRO A 395 8.99 -5.69 24.58
N GLU A 396 10.27 -5.76 24.87
CA GLU A 396 11.29 -5.62 23.83
C GLU A 396 11.56 -6.92 23.09
N GLU A 397 10.75 -7.95 23.28
CA GLU A 397 10.92 -9.21 22.59
C GLU A 397 10.20 -9.27 21.25
N VAL A 398 9.34 -8.28 20.94
CA VAL A 398 8.55 -8.29 19.73
C VAL A 398 9.23 -7.53 18.59
N ILE A 399 10.39 -6.94 18.84
CA ILE A 399 11.09 -6.11 17.87
C ILE A 399 12.20 -6.95 17.24
N PRO A 400 12.37 -6.90 15.91
CA PRO A 400 13.49 -7.62 15.29
C PRO A 400 14.84 -7.03 15.70
N LYS A 401 15.90 -7.70 15.25
CA LYS A 401 17.25 -7.35 15.69
C LYS A 401 17.73 -6.04 15.08
N ARG A 402 17.50 -5.87 13.76
CA ARG A 402 18.01 -4.68 13.07
C ARG A 402 17.41 -3.41 13.64
N LEU A 403 16.11 -3.42 13.92
CA LEU A 403 15.48 -2.25 14.53
C LEU A 403 16.08 -1.95 15.90
N GLN A 404 16.38 -3.00 16.67
CA GLN A 404 17.02 -2.79 17.96
C GLN A 404 18.38 -2.12 17.81
N GLU A 405 19.18 -2.58 16.84
CA GLU A 405 20.49 -1.98 16.61
C GLU A 405 20.35 -0.52 16.19
N LYS A 406 19.41 -0.23 15.29
CA LYS A 406 19.22 1.15 14.85
C LYS A 406 18.77 2.06 15.99
N GLN A 407 17.87 1.56 16.83
CA GLN A 407 17.43 2.34 17.98
C GLN A 407 18.58 2.61 18.95
N LYS A 408 19.41 1.60 19.19
CA LYS A 408 20.57 1.79 20.05
C LYS A 408 21.50 2.85 19.48
N SER A 409 21.76 2.80 18.17
CA SER A 409 22.62 3.79 17.55
C SER A 409 22.04 5.19 17.65
N GLU A 410 20.72 5.32 17.44
CA GLU A 410 20.07 6.62 17.53
C GLU A 410 20.17 7.19 18.94
N ARG A 411 19.93 6.36 19.95
CA ARG A 411 20.07 6.82 21.33
C ARG A 411 21.51 7.23 21.63
N GLU A 412 22.47 6.45 21.12
CA GLU A 412 23.88 6.79 21.33
C GLU A 412 24.22 8.16 20.75
N THR A 413 23.81 8.40 19.50
CA THR A 413 24.14 9.68 18.90
C THR A 413 23.38 10.83 19.58
N ALA A 414 22.16 10.58 20.06
CA ALA A 414 21.43 11.62 20.79
C ALA A 414 22.15 11.99 22.07
N VAL A 415 22.58 10.99 22.84
CA VAL A 415 23.27 11.29 24.09
C VAL A 415 24.62 11.95 23.82
N ARG A 416 25.30 11.56 22.74
CA ARG A 416 26.55 12.22 22.39
C ARG A 416 26.32 13.70 22.07
N ILE A 417 25.28 14.00 21.31
CA ILE A 417 24.98 15.39 20.97
C ILE A 417 24.63 16.17 22.23
N SER A 418 23.87 15.55 23.14
CA SER A 418 23.52 16.21 24.39
C SER A 418 24.77 16.54 25.20
N GLN A 419 25.70 15.58 25.31
CA GLN A 419 26.93 15.85 26.04
C GLN A 419 27.75 16.95 25.38
N GLU A 420 27.82 16.93 24.05
CA GLU A 420 28.58 17.94 23.33
C GLU A 420 28.01 19.34 23.57
N ILE A 421 26.69 19.47 23.46
CA ILE A 421 26.08 20.78 23.65
C ILE A 421 26.20 21.23 25.10
N GLY A 422 26.12 20.30 26.05
CA GLY A 422 26.35 20.66 27.44
C GLY A 422 27.76 21.18 27.68
N ASN A 423 28.75 20.49 27.11
CA ASN A 423 30.13 20.95 27.24
C ASN A 423 30.32 22.31 26.59
N LEU A 424 29.69 22.53 25.44
CA LEU A 424 29.80 23.81 24.75
C LEU A 424 29.17 24.94 25.57
N MET A 425 28.02 24.66 26.19
CA MET A 425 27.40 25.64 27.07
C MET A 425 28.28 25.94 28.28
N LYS A 426 28.93 24.90 28.82
CA LYS A 426 29.86 25.11 29.91
C LYS A 426 31.02 26.01 29.48
N GLU A 427 31.49 25.85 28.23
CA GLU A 427 32.60 26.68 27.75
C GLU A 427 32.23 28.16 27.74
N ILE A 428 30.93 28.47 27.67
CA ILE A 428 30.48 29.86 27.66
C ILE A 428 30.76 30.50 29.01
N LEU A 440 19.68 35.68 22.36
CA LEU A 440 19.92 35.33 20.97
C LEU A 440 21.35 34.81 20.78
N ASP A 441 22.26 35.28 21.63
CA ASP A 441 23.64 34.83 21.54
C ASP A 441 23.76 33.34 21.82
N VAL A 442 23.02 32.84 22.82
CA VAL A 442 23.03 31.40 23.09
C VAL A 442 22.49 30.62 21.90
N SER A 443 21.42 31.12 21.28
CA SER A 443 20.91 30.49 20.07
C SER A 443 21.91 30.63 18.93
N ARG A 444 22.57 31.78 18.83
CA ARG A 444 23.50 32.04 17.73
C ARG A 444 24.78 31.22 17.85
N LEU A 445 25.10 30.74 19.04
CA LEU A 445 26.36 30.03 19.25
C LEU A 445 26.15 28.54 19.51
N THR A 446 24.93 28.13 19.88
CA THR A 446 24.67 26.74 20.19
C THR A 446 23.87 25.99 19.14
N ARG A 447 22.80 26.60 18.61
CA ARG A 447 21.92 25.85 17.71
C ARG A 447 22.55 25.62 16.34
N GLU A 448 23.52 26.45 15.93
CA GLU A 448 24.24 26.19 14.70
C GLU A 448 25.74 26.37 14.94
N GLY A 449 26.52 26.02 13.91
CA GLY A 449 27.96 25.92 14.02
C GLY A 449 28.33 24.47 14.17
N GLY A 450 28.75 23.83 13.08
CA GLY A 450 28.88 22.39 13.05
C GLY A 450 30.24 21.88 12.66
N PRO A 451 30.35 20.56 12.51
CA PRO A 451 31.66 19.95 12.23
C PRO A 451 32.09 20.09 10.77
N LEU A 452 31.13 20.07 9.85
CA LEU A 452 31.40 20.06 8.42
C LEU A 452 32.30 18.87 8.05
N LEU A 453 31.71 17.68 8.22
CA LEU A 453 32.48 16.44 8.20
C LEU A 453 33.21 16.25 6.86
N TYR A 454 32.54 16.56 5.75
CA TYR A 454 33.16 16.38 4.44
C TYR A 454 34.25 17.43 4.20
N GLU A 455 35.30 17.02 3.51
CA GLU A 455 36.40 17.92 3.20
C GLU A 455 36.05 18.82 2.02
N GLY A 456 36.77 19.93 1.91
CA GLY A 456 36.54 20.88 0.85
C GLY A 456 35.38 21.82 1.05
N ILE A 457 34.74 21.78 2.22
CA ILE A 457 33.61 22.64 2.54
C ILE A 457 34.10 23.80 3.40
N SER A 458 33.78 25.02 2.97
CA SER A 458 34.19 26.22 3.68
C SER A 458 32.95 27.01 4.10
N LEU A 459 32.87 27.32 5.39
CA LEU A 459 31.80 28.19 5.90
C LEU A 459 32.00 29.58 5.33
N THR A 460 31.16 29.96 4.37
CA THR A 460 31.31 31.26 3.73
C THR A 460 30.50 32.33 4.45
N MET A 461 29.19 32.15 4.56
CA MET A 461 28.32 33.11 5.22
C MET A 461 27.59 32.42 6.37
N ASN A 462 27.87 32.88 7.59
CA ASN A 462 27.27 32.32 8.79
C ASN A 462 26.03 33.12 9.17
N SER A 463 25.45 32.80 10.32
CA SER A 463 24.23 33.47 10.77
C SER A 463 24.51 34.93 11.15
N LYS A 464 25.65 35.19 11.79
CA LYS A 464 25.93 36.54 12.27
C LYS A 464 26.05 37.54 11.13
N LEU A 465 26.71 37.15 10.04
CA LEU A 465 26.89 38.06 8.91
C LEU A 465 25.58 38.24 8.14
N LEU A 466 24.81 37.17 8.00
CA LEU A 466 23.62 37.17 7.16
C LEU A 466 22.40 37.85 7.80
N ASN A 467 22.58 38.49 8.96
CA ASN A 467 21.55 39.31 9.58
C ASN A 467 20.28 38.51 9.88
N GLY A 468 20.42 37.53 10.76
CA GLY A 468 19.27 36.76 11.19
C GLY A 468 19.69 35.47 11.86
N SER A 469 18.74 34.55 11.97
CA SER A 469 18.94 33.30 12.69
C SER A 469 18.67 32.12 11.76
N GLN A 470 19.45 31.06 11.94
CA GLN A 470 19.24 29.78 11.25
C GLN A 470 19.37 29.93 9.74
N ARG A 471 20.42 30.64 9.32
CA ARG A 471 20.74 30.78 7.90
C ARG A 471 22.20 30.42 7.69
N VAL A 472 22.46 29.56 6.71
CA VAL A 472 23.82 29.14 6.39
C VAL A 472 24.03 29.21 4.88
N VAL A 473 25.19 29.71 4.48
CA VAL A 473 25.60 29.74 3.08
C VAL A 473 26.98 29.13 2.99
N MET A 474 27.07 27.93 2.40
CA MET A 474 28.32 27.20 2.28
C MET A 474 28.64 26.96 0.81
N ASP A 475 29.94 26.87 0.52
CA ASP A 475 30.43 26.81 -0.85
C ASP A 475 31.18 25.51 -1.09
N GLY A 476 31.31 25.17 -2.36
CA GLY A 476 32.09 24.00 -2.77
C GLY A 476 31.50 22.67 -2.38
N VAL A 477 30.18 22.52 -2.44
CA VAL A 477 29.56 21.23 -2.15
C VAL A 477 29.99 20.20 -3.17
N ILE A 478 30.02 20.56 -4.45
CA ILE A 478 30.45 19.68 -5.52
C ILE A 478 31.28 20.47 -6.51
N SER A 479 32.09 19.75 -7.29
CA SER A 479 32.94 20.38 -8.29
C SER A 479 32.13 20.73 -9.53
N ASP A 480 32.81 21.30 -10.53
CA ASP A 480 32.14 21.75 -11.75
C ASP A 480 31.68 20.57 -12.60
N HIS A 481 32.43 19.45 -12.59
CA HIS A 481 32.05 18.31 -13.41
C HIS A 481 30.66 17.80 -13.05
N GLU A 482 30.38 17.67 -11.74
CA GLU A 482 29.09 17.18 -11.29
C GLU A 482 27.96 18.09 -11.74
N CYS A 483 28.19 19.41 -11.66
CA CYS A 483 27.21 20.37 -12.16
C CYS A 483 26.97 20.17 -13.64
N GLN A 484 28.04 19.91 -14.40
CA GLN A 484 27.89 19.68 -15.84
C GLN A 484 27.04 18.45 -16.13
N GLU A 485 27.31 17.33 -15.43
CA GLU A 485 26.51 16.14 -15.67
C GLU A 485 25.05 16.35 -15.24
N LEU A 486 24.81 17.04 -14.14
CA LEU A 486 23.44 17.32 -13.75
C LEU A 486 22.73 18.18 -14.80
N GLN A 487 23.43 19.18 -15.35
CA GLN A 487 22.85 20.00 -16.39
C GLN A 487 22.54 19.17 -17.63
N ARG A 488 23.42 18.24 -17.99
CA ARG A 488 23.14 17.35 -19.12
C ARG A 488 21.92 16.49 -18.84
N LEU A 489 21.82 15.95 -17.62
CA LEU A 489 20.66 15.14 -17.25
C LEU A 489 19.36 15.92 -17.41
N THR A 490 19.34 17.16 -16.92
CA THR A 490 18.12 17.93 -17.00
C THR A 490 17.85 18.45 -18.40
N ASN A 491 18.88 18.61 -19.24
CA ASN A 491 18.67 19.07 -20.60
C ASN A 491 18.15 17.94 -21.49
N VAL A 492 18.59 16.71 -21.26
CA VAL A 492 18.17 15.60 -22.11
C VAL A 492 16.66 15.39 -22.03
N ALA A 493 16.12 15.36 -20.81
CA ALA A 493 14.69 15.18 -20.60
C ALA A 493 14.21 16.12 -19.50
N ALA A 494 12.95 16.52 -19.59
CA ALA A 494 12.37 17.43 -18.60
C ALA A 494 10.85 17.28 -18.56
N TYR A 514 11.13 20.36 -14.50
CA TYR A 514 10.20 20.91 -13.52
C TYR A 514 9.62 19.82 -12.63
N GLY A 515 9.81 18.57 -13.02
CA GLY A 515 9.21 17.46 -12.30
C GLY A 515 10.08 16.23 -12.18
N VAL A 516 11.38 16.35 -12.48
CA VAL A 516 12.27 15.20 -12.48
C VAL A 516 12.69 14.90 -11.03
N THR A 517 11.99 13.94 -10.42
CA THR A 517 12.37 13.45 -9.11
C THR A 517 13.52 12.46 -9.25
N VAL A 518 14.17 12.16 -8.12
CA VAL A 518 15.28 11.20 -8.12
C VAL A 518 14.80 9.84 -8.59
N PHE A 519 13.61 9.42 -8.13
CA PHE A 519 13.06 8.14 -8.57
C PHE A 519 12.80 8.12 -10.06
N LYS A 520 12.23 9.20 -10.60
CA LYS A 520 12.00 9.29 -12.04
C LYS A 520 13.31 9.27 -12.81
N ALA A 521 14.32 9.98 -12.31
CA ALA A 521 15.62 9.99 -12.98
C ALA A 521 16.23 8.60 -13.00
N LEU A 522 16.16 7.87 -11.88
CA LEU A 522 16.71 6.52 -11.84
C LEU A 522 15.95 5.58 -12.76
N LYS A 523 14.62 5.72 -12.81
CA LYS A 523 13.83 4.87 -13.70
C LYS A 523 14.17 5.14 -15.17
N LEU A 524 14.30 6.42 -15.54
CA LEU A 524 14.68 6.75 -16.91
C LEU A 524 16.08 6.27 -17.24
N GLY A 525 17.00 6.34 -16.27
CA GLY A 525 18.33 5.80 -16.48
C GLY A 525 18.31 4.31 -16.69
N GLN A 526 17.47 3.59 -15.93
CA GLN A 526 17.31 2.15 -16.15
C GLN A 526 16.75 1.88 -17.53
N GLU A 527 15.79 2.69 -17.98
CA GLU A 527 15.20 2.50 -19.30
C GLU A 527 16.25 2.70 -20.39
N GLY A 528 17.13 3.68 -20.22
CA GLY A 528 18.20 3.95 -21.18
C GLY A 528 18.13 5.30 -21.87
N LYS A 529 17.13 6.14 -21.59
CA LYS A 529 17.07 7.44 -22.22
C LYS A 529 18.18 8.36 -21.72
N VAL A 530 18.54 8.26 -20.45
CA VAL A 530 19.52 9.15 -19.82
C VAL A 530 20.64 8.29 -19.25
N PRO A 531 21.90 8.72 -19.37
CA PRO A 531 23.01 7.91 -18.83
C PRO A 531 22.86 7.67 -17.32
N LEU A 532 23.26 6.46 -16.91
CA LEU A 532 23.03 6.01 -15.54
C LEU A 532 23.93 6.73 -14.53
N GLN A 533 25.16 7.04 -14.90
CA GLN A 533 26.10 7.67 -13.97
C GLN A 533 25.55 8.99 -13.46
N SER A 534 24.83 9.72 -14.31
CA SER A 534 24.25 10.98 -13.87
C SER A 534 23.22 10.78 -12.76
N ALA A 535 22.35 9.78 -12.93
CA ALA A 535 21.36 9.49 -11.90
C ALA A 535 22.03 9.04 -10.59
N HIS A 536 23.04 8.19 -10.70
CA HIS A 536 23.74 7.73 -9.50
C HIS A 536 24.39 8.90 -8.78
N LEU A 537 25.01 9.81 -9.54
CA LEU A 537 25.61 11.00 -8.94
C LEU A 537 24.56 11.89 -8.28
N TYR A 538 23.39 12.02 -8.91
CA TYR A 538 22.30 12.78 -8.31
C TYR A 538 21.90 12.20 -6.95
N TYR A 539 21.72 10.88 -6.89
CA TYR A 539 21.33 10.24 -5.64
C TYR A 539 22.41 10.43 -4.57
N ASN A 540 23.68 10.23 -4.95
CA ASN A 540 24.75 10.38 -3.98
C ASN A 540 24.86 11.82 -3.48
N VAL A 541 24.69 12.80 -4.37
CA VAL A 541 24.82 14.20 -3.96
C VAL A 541 23.68 14.60 -3.05
N THR A 542 22.46 14.10 -3.31
CA THR A 542 21.36 14.45 -2.41
C THR A 542 21.56 13.83 -1.03
N GLU A 543 22.07 12.60 -0.97
CA GLU A 543 22.39 12.02 0.33
C GLU A 543 23.48 12.81 1.04
N LYS A 544 24.50 13.24 0.29
CA LYS A 544 25.61 13.99 0.88
C LYS A 544 25.11 15.30 1.48
N VAL A 545 24.30 16.05 0.72
CA VAL A 545 23.82 17.33 1.22
C VAL A 545 22.92 17.13 2.43
N ARG A 546 22.08 16.09 2.40
CA ARG A 546 21.30 15.75 3.60
C ARG A 546 22.21 15.60 4.81
N ARG A 547 23.25 14.77 4.67
CA ARG A 547 24.11 14.48 5.82
C ARG A 547 24.77 15.75 6.34
N ILE A 548 25.38 16.54 5.45
CA ILE A 548 26.14 17.69 5.93
C ILE A 548 25.21 18.72 6.57
N MET A 549 24.08 19.01 5.92
CA MET A 549 23.20 20.04 6.46
C MET A 549 22.61 19.60 7.79
N GLU A 550 22.26 18.31 7.92
CA GLU A 550 21.77 17.82 9.20
C GLU A 550 22.84 17.93 10.28
N SER A 551 24.08 17.57 9.96
CA SER A 551 25.12 17.56 11.00
C SER A 551 25.54 18.95 11.41
N TYR A 552 25.35 19.95 10.54
CA TYR A 552 25.81 21.30 10.89
C TYR A 552 24.97 21.90 12.01
N PHE A 553 23.67 21.61 12.04
CA PHE A 553 22.73 22.27 12.94
C PHE A 553 22.60 21.57 14.29
N ARG A 554 23.41 20.55 14.57
CA ARG A 554 23.40 19.84 15.84
C ARG A 554 21.99 19.31 16.17
N LEU A 555 21.50 18.46 15.28
CA LEU A 555 20.16 17.89 15.41
C LEU A 555 20.28 16.50 16.04
N ASP A 556 19.61 16.31 17.18
CA ASP A 556 19.66 15.02 17.86
C ASP A 556 18.75 14.00 17.19
N THR A 557 17.50 14.39 16.94
CA THR A 557 16.57 13.51 16.25
C THR A 557 17.05 13.26 14.82
N PRO A 558 16.93 12.03 14.31
CA PRO A 558 17.30 11.79 12.91
C PRO A 558 16.40 12.54 11.95
N LEU A 559 16.94 12.84 10.77
CA LEU A 559 16.27 13.67 9.78
C LEU A 559 15.73 12.81 8.64
N TYR A 560 14.58 13.18 8.13
CA TYR A 560 13.97 12.44 7.02
C TYR A 560 13.60 13.40 5.90
N PHE A 561 13.50 12.86 4.69
CA PHE A 561 13.15 13.66 3.53
C PHE A 561 11.65 13.93 3.49
N SER A 562 11.25 14.91 2.68
CA SER A 562 9.84 15.07 2.36
C SER A 562 9.60 15.26 0.88
N TYR A 563 10.55 15.84 0.15
CA TYR A 563 10.47 16.04 -1.28
C TYR A 563 11.81 16.53 -1.77
N SER A 564 12.17 16.12 -2.99
CA SER A 564 13.45 16.50 -3.57
C SER A 564 13.33 16.40 -5.09
N HIS A 565 13.36 17.54 -5.77
CA HIS A 565 13.22 17.56 -7.21
C HIS A 565 14.19 18.57 -7.80
N LEU A 566 14.60 18.30 -9.03
CA LEU A 566 15.42 19.21 -9.81
C LEU A 566 14.49 20.08 -10.67
N VAL A 567 14.97 21.26 -11.05
CA VAL A 567 14.18 22.18 -11.85
C VAL A 567 15.12 23.04 -12.69
N CYS A 568 14.55 23.60 -13.75
CA CYS A 568 15.25 24.53 -14.62
C CYS A 568 14.32 25.66 -14.98
N ARG A 569 14.85 26.88 -14.98
CA ARG A 569 14.08 28.07 -15.34
C ARG A 569 14.65 28.63 -16.64
N THR A 570 13.78 28.79 -17.63
CA THR A 570 14.17 29.28 -18.95
C THR A 570 13.54 30.65 -19.16
N ALA A 571 14.38 31.67 -19.27
CA ALA A 571 13.89 33.03 -19.49
C ALA A 571 13.23 33.13 -20.85
N ILE A 572 12.06 33.75 -20.89
CA ILE A 572 11.33 34.01 -22.13
C ILE A 572 11.34 35.51 -22.36
N GLU A 573 12.26 35.96 -23.21
CA GLU A 573 12.50 37.38 -23.40
C GLU A 573 11.37 38.09 -24.13
N GLU A 574 10.44 37.36 -24.74
CA GLU A 574 9.34 37.98 -25.47
C GLU A 574 8.15 38.33 -24.60
N VAL A 575 8.11 37.86 -23.35
CA VAL A 575 7.01 38.15 -22.45
C VAL A 575 7.47 39.00 -21.26
N GLN A 576 8.64 39.61 -21.37
CA GLN A 576 9.20 40.43 -20.30
C GLN A 576 8.80 41.90 -20.41
N ALA A 577 7.98 42.26 -21.40
CA ALA A 577 7.57 43.64 -21.56
C ALA A 577 6.56 44.02 -20.49
N GLU A 578 6.89 45.07 -19.72
CA GLU A 578 6.04 45.55 -18.63
C GLU A 578 5.73 44.46 -17.61
N ARG A 579 6.69 43.56 -17.38
CA ARG A 579 6.54 42.49 -16.40
C ARG A 579 7.18 42.92 -15.08
N LYS A 580 6.62 43.99 -14.51
CA LYS A 580 7.15 44.55 -13.27
C LYS A 580 6.80 43.73 -12.04
N ASP A 581 5.83 42.82 -12.15
CA ASP A 581 5.45 41.99 -11.01
C ASP A 581 6.56 41.01 -10.67
N ASP A 582 6.68 40.70 -9.39
CA ASP A 582 7.69 39.76 -8.92
C ASP A 582 7.42 38.36 -9.46
N SER A 583 8.50 37.58 -9.64
CA SER A 583 8.36 36.22 -10.13
C SER A 583 7.56 35.36 -9.16
N HIS A 584 7.85 35.47 -7.86
CA HIS A 584 7.13 34.74 -6.84
C HIS A 584 7.03 35.65 -5.61
N PRO A 585 5.83 35.86 -5.06
CA PRO A 585 5.71 36.67 -3.85
C PRO A 585 6.42 36.00 -2.68
N VAL A 586 6.92 36.84 -1.77
CA VAL A 586 7.62 36.34 -0.60
C VAL A 586 6.64 35.59 0.29
N HIS A 587 7.05 34.41 0.75
CA HIS A 587 6.17 33.55 1.51
C HIS A 587 7.02 32.69 2.43
N VAL A 588 6.38 31.73 3.10
CA VAL A 588 7.07 30.77 3.95
C VAL A 588 6.59 29.38 3.59
N ASP A 589 7.51 28.41 3.70
CA ASP A 589 7.19 27.05 3.31
C ASP A 589 6.30 26.35 4.33
N ASN A 590 6.43 26.72 5.62
CA ASN A 590 5.66 26.04 6.66
C ASN A 590 4.20 26.47 6.62
N CYS A 591 3.93 27.76 6.78
CA CYS A 591 2.58 28.29 6.88
C CYS A 591 2.23 29.09 5.64
N ILE A 592 1.06 29.72 5.67
CA ILE A 592 0.62 30.66 4.65
C ILE A 592 0.59 32.05 5.28
N LEU A 593 1.29 32.99 4.65
CA LEU A 593 1.29 34.38 5.12
C LEU A 593 0.24 35.17 4.36
N ASN A 594 -0.59 35.90 5.10
CA ASN A 594 -1.65 36.71 4.51
C ASN A 594 -1.23 38.16 4.34
N ALA A 595 0.06 38.39 4.09
CA ALA A 595 0.60 39.72 3.80
C ALA A 595 0.34 40.72 4.91
N GLU A 596 -0.60 41.64 4.68
CA GLU A 596 -0.83 42.76 5.59
C GLU A 596 -1.29 42.32 6.98
N THR A 597 -1.88 41.12 7.09
CA THR A 597 -2.33 40.65 8.41
C THR A 597 -1.15 40.42 9.35
N LEU A 598 0.02 40.12 8.81
CA LEU A 598 1.25 39.94 9.58
C LEU A 598 1.13 38.80 10.60
N VAL A 599 0.29 37.82 10.30
CA VAL A 599 0.11 36.65 11.16
C VAL A 599 0.02 35.41 10.29
N CYS A 600 0.69 34.35 10.72
CA CYS A 600 0.70 33.09 9.99
C CYS A 600 -0.43 32.18 10.48
N VAL A 601 -0.54 31.02 9.83
CA VAL A 601 -1.54 30.02 10.20
C VAL A 601 -1.05 28.64 9.75
N LYS A 602 -1.12 27.68 10.66
CA LYS A 602 -0.74 26.29 10.36
C LYS A 602 -1.97 25.60 9.78
N GLU A 603 -2.25 25.91 8.51
CA GLU A 603 -3.47 25.52 7.83
C GLU A 603 -3.19 24.35 6.89
N PRO A 604 -3.89 23.23 7.03
CA PRO A 604 -3.44 21.96 6.44
C PRO A 604 -3.26 22.01 4.93
N PRO A 605 -4.08 22.78 4.19
CA PRO A 605 -3.77 22.98 2.76
C PRO A 605 -2.38 23.54 2.49
N ALA A 606 -1.65 23.93 3.53
CA ALA A 606 -0.21 24.16 3.46
C ALA A 606 0.50 23.14 4.34
N TYR A 607 1.55 22.53 3.81
CA TYR A 607 2.24 21.46 4.54
C TYR A 607 2.79 21.99 5.85
N THR A 608 2.49 21.28 6.94
CA THR A 608 2.88 21.71 8.28
C THR A 608 3.99 20.87 8.89
N PHE A 609 4.50 19.89 8.16
CA PHE A 609 5.55 19.02 8.71
C PHE A 609 6.93 19.34 8.18
N ARG A 610 7.06 20.09 7.09
CA ARG A 610 8.37 20.50 6.62
C ARG A 610 9.03 21.39 7.66
N ASP A 611 10.27 21.05 8.02
CA ASP A 611 10.99 21.78 9.05
C ASP A 611 12.21 22.51 8.52
N TYR A 612 13.12 21.81 7.84
CA TYR A 612 14.32 22.42 7.29
C TYR A 612 14.26 22.44 5.77
N SER A 613 14.88 23.46 5.18
CA SER A 613 14.89 23.59 3.73
C SER A 613 16.30 23.93 3.27
N ALA A 614 16.65 23.44 2.08
CA ALA A 614 17.97 23.66 1.52
C ALA A 614 17.86 23.79 0.01
N ILE A 615 18.76 24.58 -0.57
CA ILE A 615 18.81 24.77 -2.02
C ILE A 615 20.28 24.79 -2.43
N LEU A 616 20.60 24.16 -3.56
CA LEU A 616 21.96 24.20 -4.09
C LEU A 616 21.92 24.51 -5.58
N TYR A 617 22.79 25.43 -5.99
CA TYR A 617 22.85 25.91 -7.37
C TYR A 617 23.90 25.13 -8.15
N LEU A 618 23.77 25.17 -9.47
CA LEU A 618 24.68 24.44 -10.34
C LEU A 618 25.40 25.32 -11.36
N ASN A 619 24.71 26.27 -11.97
CA ASN A 619 25.32 27.05 -13.04
C ASN A 619 25.93 28.32 -12.44
N GLY A 620 26.83 28.94 -13.21
CA GLY A 620 27.49 30.14 -12.74
C GLY A 620 27.56 31.26 -13.77
N ASP A 621 26.59 31.31 -14.69
CA ASP A 621 26.57 32.38 -15.69
C ASP A 621 25.11 32.65 -16.10
N PHE A 622 24.54 33.67 -15.49
CA PHE A 622 23.31 34.29 -15.97
C PHE A 622 23.22 35.70 -15.38
N ASP A 623 22.04 36.31 -15.48
CA ASP A 623 21.77 37.57 -14.81
C ASP A 623 20.35 37.54 -14.28
N GLY A 624 20.12 38.22 -13.16
CA GLY A 624 18.80 38.24 -12.56
C GLY A 624 18.49 36.96 -11.81
N GLY A 625 17.29 36.93 -11.24
CA GLY A 625 16.84 35.77 -10.49
C GLY A 625 17.62 35.49 -9.23
N ASN A 626 17.89 36.52 -8.43
CA ASN A 626 18.63 36.34 -7.20
C ASN A 626 17.76 35.68 -6.14
N PHE A 627 18.37 35.46 -4.97
CA PHE A 627 17.69 34.88 -3.82
C PHE A 627 17.95 35.80 -2.62
N TYR A 628 16.90 36.07 -1.84
CA TYR A 628 17.01 37.03 -0.75
C TYR A 628 16.12 36.61 0.41
N PHE A 629 16.43 37.16 1.58
CA PHE A 629 15.66 36.94 2.79
C PHE A 629 14.97 38.25 3.17
N THR A 630 13.66 38.19 3.43
CA THR A 630 12.85 39.39 3.63
C THR A 630 12.09 39.27 4.94
N GLU A 631 11.99 40.39 5.66
CA GLU A 631 11.30 40.43 6.94
C GLU A 631 9.80 40.17 6.74
N LEU A 632 9.07 40.15 7.87
CA LEU A 632 7.67 39.77 7.86
C LEU A 632 6.79 40.77 7.10
N ASP A 633 7.20 42.04 7.04
CA ASP A 633 6.38 43.05 6.38
C ASP A 633 6.35 42.90 4.86
N ALA A 634 7.18 42.02 4.30
CA ALA A 634 7.23 41.74 2.86
C ALA A 634 7.70 42.94 2.05
N LYS A 635 8.41 43.87 2.67
CA LYS A 635 8.95 45.03 1.97
C LYS A 635 10.47 45.09 1.99
N THR A 636 11.08 45.03 3.17
CA THR A 636 12.51 45.28 3.29
C THR A 636 13.31 44.03 2.94
N VAL A 637 14.52 44.24 2.45
CA VAL A 637 15.43 43.15 2.13
C VAL A 637 16.51 43.07 3.21
N THR A 638 16.64 41.90 3.82
CA THR A 638 17.62 41.73 4.89
C THR A 638 18.99 41.31 4.34
N ALA A 639 19.01 40.34 3.43
CA ALA A 639 20.25 39.90 2.82
C ALA A 639 19.94 39.22 1.50
N GLU A 640 20.96 39.13 0.64
CA GLU A 640 20.83 38.47 -0.65
C GLU A 640 22.05 37.61 -0.88
N VAL A 641 21.89 36.57 -1.69
CA VAL A 641 22.97 35.66 -2.04
C VAL A 641 23.13 35.64 -3.55
N GLN A 642 24.35 35.91 -4.01
CA GLN A 642 24.64 35.91 -5.44
C GLN A 642 24.80 34.48 -5.94
N PRO A 643 24.02 34.06 -6.93
CA PRO A 643 24.17 32.69 -7.44
C PRO A 643 25.53 32.45 -8.05
N GLN A 644 26.02 31.23 -7.90
CA GLN A 644 27.29 30.80 -8.47
C GLN A 644 27.27 29.27 -8.56
N CYS A 645 28.43 28.68 -8.83
CA CYS A 645 28.55 27.24 -8.93
C CYS A 645 28.87 26.65 -7.54
N GLY A 646 28.20 25.55 -7.22
CA GLY A 646 28.42 24.87 -5.96
C GLY A 646 28.01 25.63 -4.72
N ARG A 647 27.09 26.58 -4.83
CA ARG A 647 26.64 27.32 -3.66
C ARG A 647 25.43 26.66 -3.04
N ALA A 648 25.43 26.54 -1.71
CA ALA A 648 24.34 25.92 -0.97
C ALA A 648 23.84 26.87 0.10
N VAL A 649 22.52 27.04 0.16
CA VAL A 649 21.86 27.89 1.14
C VAL A 649 20.88 27.04 1.92
N GLY A 650 20.96 27.10 3.24
CA GLY A 650 20.11 26.29 4.09
C GLY A 650 19.50 27.13 5.21
N PHE A 651 18.23 26.84 5.50
CA PHE A 651 17.54 27.59 6.54
C PHE A 651 16.41 26.75 7.12
N SER A 652 16.02 27.07 8.35
CA SER A 652 14.82 26.50 8.92
C SER A 652 13.59 27.10 8.24
N SER A 653 12.59 26.26 7.98
CA SER A 653 11.40 26.67 7.25
C SER A 653 10.36 27.34 8.14
N GLY A 654 10.75 27.78 9.34
CA GLY A 654 9.82 28.42 10.25
C GLY A 654 9.39 29.79 9.75
N THR A 655 8.43 30.36 10.48
CA THR A 655 7.87 31.66 10.11
C THR A 655 8.87 32.80 10.29
N GLU A 656 10.01 32.56 10.93
CA GLU A 656 11.00 33.61 11.14
C GLU A 656 11.86 33.85 9.91
N ASN A 657 11.73 33.03 8.87
CA ASN A 657 12.58 33.14 7.67
C ASN A 657 11.74 33.13 6.42
N PRO A 658 11.23 34.29 5.99
CA PRO A 658 10.60 34.38 4.68
C PRO A 658 11.63 34.63 3.58
N HIS A 659 11.58 33.82 2.54
CA HIS A 659 12.52 33.87 1.43
C HIS A 659 11.83 34.40 0.18
N GLY A 660 12.62 34.96 -0.72
CA GLY A 660 12.10 35.52 -1.95
C GLY A 660 13.06 35.32 -3.10
N VAL A 661 12.48 35.13 -4.29
CA VAL A 661 13.23 34.90 -5.51
C VAL A 661 12.84 35.97 -6.52
N LYS A 662 13.84 36.65 -7.08
CA LYS A 662 13.60 37.65 -8.10
C LYS A 662 13.38 37.00 -9.46
N ALA A 663 12.89 37.80 -10.41
CA ALA A 663 12.68 37.30 -11.75
C ALA A 663 14.00 37.11 -12.49
N VAL A 664 14.00 36.22 -13.46
CA VAL A 664 15.22 35.84 -14.18
C VAL A 664 15.31 36.62 -15.49
N THR A 665 16.53 36.76 -15.98
CA THR A 665 16.84 37.41 -17.25
C THR A 665 17.51 36.40 -18.16
N ARG A 666 18.07 36.90 -19.27
CA ARG A 666 18.69 36.09 -20.32
C ARG A 666 19.45 34.92 -19.75
N GLY A 667 19.18 33.73 -20.28
CA GLY A 667 19.92 32.53 -19.93
C GLY A 667 19.08 31.44 -19.30
N GLN A 668 19.76 30.46 -18.71
CA GLN A 668 19.11 29.35 -18.03
C GLN A 668 19.71 29.19 -16.64
N ARG A 669 18.85 28.93 -15.66
CA ARG A 669 19.28 28.77 -14.27
C ARG A 669 18.68 27.47 -13.76
N CYS A 670 19.54 26.55 -13.31
CA CYS A 670 19.12 25.23 -12.84
C CYS A 670 19.69 24.99 -11.45
N ALA A 671 18.86 24.44 -10.57
CA ALA A 671 19.24 24.22 -9.18
C ALA A 671 18.36 23.12 -8.59
N ILE A 672 18.78 22.62 -7.43
CA ILE A 672 18.06 21.56 -6.73
C ILE A 672 17.54 22.12 -5.42
N ALA A 673 16.30 21.78 -5.08
CA ALA A 673 15.68 22.16 -3.82
C ALA A 673 15.35 20.93 -3.01
N LEU A 674 15.44 21.04 -1.69
CA LEU A 674 15.26 19.92 -0.79
C LEU A 674 14.53 20.37 0.47
N TRP A 675 13.64 19.52 0.98
CA TRP A 675 12.89 19.78 2.20
C TRP A 675 12.96 18.57 3.11
N PHE A 676 13.33 18.81 4.37
CA PHE A 676 13.48 17.76 5.37
C PHE A 676 12.50 17.98 6.52
N THR A 677 11.89 16.88 6.97
CA THR A 677 11.04 16.86 8.14
C THR A 677 11.66 15.99 9.23
N LEU A 678 11.24 16.26 10.47
CA LEU A 678 11.73 15.56 11.64
C LEU A 678 10.77 14.47 12.12
N ASP A 679 9.52 14.48 11.66
CA ASP A 679 8.55 13.49 12.10
C ASP A 679 8.65 12.25 11.22
N PRO A 680 8.98 11.08 11.76
CA PRO A 680 9.13 9.89 10.91
C PRO A 680 7.83 9.42 10.29
N ARG A 681 6.67 9.95 10.71
CA ARG A 681 5.41 9.56 10.09
C ARG A 681 5.33 10.05 8.65
N HIS A 682 5.88 11.23 8.38
CA HIS A 682 5.81 11.85 7.05
C HIS A 682 7.16 11.69 6.35
N SER A 683 7.33 10.55 5.69
CA SER A 683 8.45 10.31 4.81
C SER A 683 7.92 9.85 3.46
N GLU A 684 8.69 10.06 2.41
CA GLU A 684 8.24 9.69 1.08
C GLU A 684 8.04 8.19 0.98
N ARG A 685 7.09 7.78 0.15
CA ARG A 685 6.86 6.39 -0.20
C ARG A 685 7.57 5.99 -1.48
N ASP A 686 8.38 6.88 -2.05
CA ASP A 686 9.21 6.58 -3.21
C ASP A 686 10.70 6.46 -2.89
N ARG A 687 11.13 6.98 -1.73
CA ARG A 687 12.54 6.91 -1.37
C ARG A 687 12.99 5.46 -1.17
N VAL A 688 12.16 4.65 -0.52
CA VAL A 688 12.47 3.23 -0.35
C VAL A 688 12.52 2.53 -1.69
N GLN A 689 11.62 2.91 -2.61
CA GLN A 689 11.64 2.34 -3.95
C GLN A 689 12.93 2.70 -4.67
N ALA A 690 13.39 3.94 -4.53
CA ALA A 690 14.65 4.35 -5.16
C ALA A 690 15.84 3.61 -4.55
N ASP A 691 15.84 3.44 -3.23
CA ASP A 691 16.89 2.66 -2.58
C ASP A 691 16.91 1.23 -3.09
N ASP A 692 15.73 0.62 -3.22
CA ASP A 692 15.64 -0.74 -3.74
C ASP A 692 16.14 -0.81 -5.18
N LEU A 693 15.80 0.21 -5.98
CA LEU A 693 16.24 0.24 -7.38
C LEU A 693 17.76 0.35 -7.49
N VAL A 694 18.37 1.20 -6.66
CA VAL A 694 19.82 1.33 -6.72
C VAL A 694 20.50 0.05 -6.22
N LYS A 695 19.90 -0.61 -5.23
CA LYS A 695 20.41 -1.91 -4.79
C LYS A 695 20.30 -2.94 -5.91
N MET A 696 19.19 -2.91 -6.66
CA MET A 696 19.06 -3.73 -7.85
C MET A 696 20.20 -3.49 -8.83
N LEU A 697 20.37 -2.24 -9.25
CA LEU A 697 21.22 -1.95 -10.40
C LEU A 697 22.70 -2.03 -10.08
N PHE A 698 23.11 -1.68 -8.86
CA PHE A 698 24.53 -1.59 -8.56
C PHE A 698 24.99 -2.52 -7.45
N SER A 699 24.13 -3.40 -6.95
CA SER A 699 24.50 -4.43 -5.99
C SER A 699 23.87 -5.76 -6.41
N PRO A 700 24.39 -6.38 -7.47
CA PRO A 700 23.77 -7.60 -7.99
C PRO A 700 23.94 -8.78 -7.06
N GLU A 701 22.99 -9.72 -7.14
CA GLU A 701 23.01 -10.96 -6.39
C GLU A 701 23.01 -12.14 -7.36
N GLU A 702 23.19 -13.34 -6.81
CA GLU A 702 23.22 -14.56 -7.60
C GLU A 702 22.59 -15.70 -6.80
N MET A 703 21.75 -16.49 -7.48
CA MET A 703 21.19 -17.70 -6.91
C MET A 703 21.16 -18.79 -7.97
N ASP A 704 21.47 -20.02 -7.56
CA ASP A 704 21.65 -21.12 -8.50
C ASP A 704 20.33 -21.47 -9.17
N LEU A 705 20.30 -21.36 -10.50
CA LEU A 705 19.10 -21.74 -11.25
C LEU A 705 18.99 -23.25 -11.41
N SER A 706 20.11 -23.97 -11.31
CA SER A 706 20.11 -25.42 -11.46
C SER A 706 19.70 -26.11 -10.18
N GLN B 27 13.09 -20.28 -34.11
CA GLN B 27 13.81 -19.24 -33.39
C GLN B 27 13.94 -19.60 -31.91
N TYR B 28 13.40 -20.76 -31.53
CA TYR B 28 13.49 -21.25 -30.17
C TYR B 28 14.62 -22.25 -29.98
N GLU B 29 15.48 -22.41 -30.99
CA GLU B 29 16.53 -23.42 -30.92
C GLU B 29 17.57 -23.07 -29.87
N ARG B 30 18.05 -21.82 -29.88
CA ARG B 30 19.07 -21.37 -28.93
C ARG B 30 18.43 -20.65 -27.75
N TYR B 31 17.70 -21.43 -26.96
CA TYR B 31 17.01 -20.94 -25.77
C TYR B 31 17.31 -21.85 -24.60
N SER B 32 17.60 -21.26 -23.44
CA SER B 32 17.91 -22.03 -22.24
C SER B 32 17.65 -21.14 -21.03
N PHE B 33 16.67 -21.53 -20.21
CA PHE B 33 16.34 -20.74 -19.03
C PHE B 33 17.51 -20.71 -18.05
N ARG B 34 18.23 -21.82 -17.91
CA ARG B 34 19.34 -21.87 -16.97
C ARG B 34 20.46 -20.91 -17.37
N SER B 35 20.80 -20.87 -18.66
CA SER B 35 21.89 -20.04 -19.16
C SER B 35 21.38 -19.20 -20.32
N PHE B 36 21.35 -17.89 -20.13
CA PHE B 36 20.93 -16.95 -21.16
C PHE B 36 22.07 -16.00 -21.46
N PRO B 37 22.51 -15.90 -22.72
CA PRO B 37 23.62 -15.00 -23.04
C PRO B 37 23.27 -13.55 -22.70
N ARG B 38 24.24 -12.84 -22.13
CA ARG B 38 24.04 -11.49 -21.64
C ARG B 38 24.12 -10.43 -22.73
N ASP B 39 24.52 -10.80 -23.95
CA ASP B 39 24.68 -9.82 -25.01
C ASP B 39 23.34 -9.27 -25.50
N GLU B 40 22.26 -10.02 -25.31
CA GLU B 40 20.94 -9.64 -25.82
C GLU B 40 19.94 -9.40 -24.70
N LEU B 41 20.40 -8.84 -23.58
CA LEU B 41 19.52 -8.50 -22.47
C LEU B 41 19.21 -7.00 -22.52
N MET B 42 18.23 -6.66 -23.35
CA MET B 42 17.70 -5.32 -23.48
C MET B 42 16.23 -5.31 -23.06
N PRO B 43 15.70 -4.15 -22.65
CA PRO B 43 14.28 -4.07 -22.34
C PRO B 43 13.41 -4.41 -23.54
N LEU B 44 12.27 -5.04 -23.25
CA LEU B 44 11.41 -5.57 -24.31
C LEU B 44 10.94 -4.47 -25.25
N GLU B 45 10.45 -3.35 -24.69
CA GLU B 45 9.90 -2.29 -25.53
C GLU B 45 10.96 -1.70 -26.45
N SER B 46 12.19 -1.54 -25.96
CA SER B 46 13.25 -0.98 -26.79
C SER B 46 13.50 -1.85 -28.02
N ALA B 47 13.66 -3.15 -27.81
CA ALA B 47 13.90 -4.06 -28.92
C ALA B 47 12.70 -4.08 -29.88
N TYR B 48 11.49 -4.10 -29.34
CA TYR B 48 10.30 -4.15 -30.19
C TYR B 48 10.19 -2.89 -31.04
N ARG B 49 10.42 -1.72 -30.44
CA ARG B 49 10.37 -0.46 -31.17
C ARG B 49 11.46 -0.40 -32.23
N HIS B 50 12.67 -0.85 -31.89
CA HIS B 50 13.73 -0.89 -32.88
C HIS B 50 13.34 -1.79 -34.05
N ALA B 51 12.76 -2.95 -33.75
CA ALA B 51 12.36 -3.87 -34.81
C ALA B 51 11.32 -3.24 -35.73
N LEU B 52 10.29 -2.60 -35.16
CA LEU B 52 9.30 -1.96 -36.01
C LEU B 52 9.89 -0.82 -36.83
N ASP B 53 10.76 -0.01 -36.22
CA ASP B 53 11.35 1.10 -36.95
C ASP B 53 12.21 0.61 -38.11
N LYS B 54 12.94 -0.48 -37.91
CA LYS B 54 13.69 -1.06 -39.01
C LYS B 54 12.77 -1.68 -40.07
N TYR B 55 11.68 -2.30 -39.63
CA TYR B 55 10.75 -2.92 -40.58
C TYR B 55 10.14 -1.87 -41.50
N SER B 56 9.74 -0.73 -40.93
CA SER B 56 9.24 0.36 -41.76
C SER B 56 10.35 0.95 -42.64
N GLY B 57 11.60 0.70 -42.32
CA GLY B 57 12.72 1.23 -43.08
C GLY B 57 13.22 0.31 -44.16
N GLU B 58 12.46 -0.74 -44.47
CA GLU B 58 12.68 -1.69 -45.55
C GLU B 58 13.83 -2.66 -45.27
N HIS B 59 14.57 -2.47 -44.18
CA HIS B 59 15.61 -3.44 -43.81
C HIS B 59 14.96 -4.73 -43.33
N TRP B 60 15.60 -5.86 -43.63
CA TRP B 60 15.01 -7.17 -43.36
C TRP B 60 15.78 -8.00 -42.33
N ALA B 61 17.08 -8.20 -42.54
CA ALA B 61 17.84 -9.09 -41.65
C ALA B 61 17.85 -8.57 -40.22
N GLU B 62 18.09 -7.27 -40.04
CA GLU B 62 18.12 -6.69 -38.70
C GLU B 62 16.76 -6.83 -38.02
N SER B 63 15.68 -6.62 -38.78
CA SER B 63 14.34 -6.80 -38.21
C SER B 63 14.11 -8.24 -37.78
N VAL B 64 14.56 -9.20 -38.59
CA VAL B 64 14.41 -10.61 -38.24
C VAL B 64 15.13 -10.90 -36.92
N GLY B 65 16.39 -10.46 -36.83
CA GLY B 65 17.15 -10.71 -35.61
C GLY B 65 16.52 -10.07 -34.39
N TYR B 66 16.08 -8.82 -34.52
CA TYR B 66 15.49 -8.13 -33.39
C TYR B 66 14.16 -8.75 -32.97
N LEU B 67 13.35 -9.20 -33.93
CA LEU B 67 12.11 -9.88 -33.58
C LEU B 67 12.37 -11.19 -32.85
N GLU B 68 13.37 -11.95 -33.31
CA GLU B 68 13.73 -13.17 -32.58
C GLU B 68 14.19 -12.84 -31.16
N ILE B 69 14.97 -11.78 -31.02
CA ILE B 69 15.43 -11.36 -29.69
C ILE B 69 14.24 -11.05 -28.80
N SER B 70 13.28 -10.29 -29.33
CA SER B 70 12.10 -9.91 -28.55
C SER B 70 11.29 -11.12 -28.11
N LEU B 71 11.06 -12.07 -29.03
CA LEU B 71 10.30 -13.26 -28.68
C LEU B 71 11.02 -14.06 -27.60
N ARG B 72 12.34 -14.24 -27.75
CA ARG B 72 13.10 -14.95 -26.72
C ARG B 72 12.99 -14.26 -25.37
N LEU B 73 13.08 -12.92 -25.36
CA LEU B 73 12.99 -12.19 -24.10
C LEU B 73 11.62 -12.36 -23.46
N HIS B 74 10.56 -12.34 -24.26
CA HIS B 74 9.23 -12.55 -23.71
C HIS B 74 9.09 -13.93 -23.09
N ARG B 75 9.58 -14.96 -23.78
CA ARG B 75 9.50 -16.30 -23.21
C ARG B 75 10.31 -16.41 -21.92
N LEU B 76 11.49 -15.79 -21.89
CA LEU B 76 12.30 -15.82 -20.67
C LEU B 76 11.58 -15.13 -19.52
N LEU B 77 10.94 -13.99 -19.78
CA LEU B 77 10.18 -13.32 -18.74
C LEU B 77 9.05 -14.18 -18.22
N ARG B 78 8.31 -14.84 -19.13
CA ARG B 78 7.21 -15.69 -18.69
C ARG B 78 7.71 -16.84 -17.82
N ASP B 79 8.79 -17.48 -18.24
CA ASP B 79 9.31 -18.61 -17.46
C ASP B 79 9.88 -18.14 -16.12
N SER B 80 10.48 -16.95 -16.08
CA SER B 80 10.96 -16.41 -14.82
C SER B 80 9.81 -16.16 -13.85
N GLU B 81 8.70 -15.61 -14.35
CA GLU B 81 7.52 -15.43 -13.52
C GLU B 81 7.02 -16.77 -13.00
N ALA B 82 6.98 -17.78 -13.87
CA ALA B 82 6.52 -19.10 -13.46
C ALA B 82 7.39 -19.68 -12.35
N PHE B 83 8.72 -19.60 -12.52
CA PHE B 83 9.63 -20.16 -11.52
C PHE B 83 9.53 -19.39 -10.21
N CYS B 84 9.34 -18.07 -10.28
CA CYS B 84 9.18 -17.29 -9.06
C CYS B 84 7.90 -17.67 -8.32
N HIS B 85 6.80 -17.90 -9.06
CA HIS B 85 5.55 -18.21 -8.39
C HIS B 85 5.42 -19.66 -7.98
N ARG B 86 6.31 -20.54 -8.47
CA ARG B 86 6.28 -21.92 -7.97
C ARG B 86 7.07 -22.07 -6.67
N ASN B 87 8.06 -21.20 -6.45
CA ASN B 87 8.92 -21.33 -5.28
C ASN B 87 8.24 -20.91 -3.99
N CYS B 88 7.31 -19.95 -4.07
CA CYS B 88 6.79 -19.29 -2.88
C CYS B 88 5.52 -19.92 -2.33
N SER B 89 4.50 -20.11 -3.17
CA SER B 89 3.23 -20.63 -2.69
C SER B 89 3.37 -22.02 -2.10
N ALA B 90 4.15 -22.88 -2.76
CA ALA B 90 4.38 -24.25 -2.29
C ALA B 90 5.42 -24.23 -1.17
N ALA B 91 5.03 -23.68 -0.03
CA ALA B 91 5.88 -23.58 1.14
C ALA B 91 5.16 -24.11 2.37
N PRO B 92 5.88 -24.74 3.29
CA PRO B 92 5.25 -25.23 4.52
C PRO B 92 4.68 -24.08 5.34
N GLN B 93 3.52 -24.32 5.95
CA GLN B 93 2.89 -23.32 6.79
C GLN B 93 3.53 -23.33 8.18
N PRO B 94 4.08 -22.22 8.65
CA PRO B 94 4.71 -22.23 9.98
C PRO B 94 3.68 -22.46 11.08
N GLU B 95 4.15 -23.10 12.15
CA GLU B 95 3.30 -23.39 13.30
C GLU B 95 3.23 -22.16 14.20
N PRO B 96 2.05 -21.59 14.44
CA PRO B 96 1.97 -20.36 15.24
C PRO B 96 1.82 -20.64 16.73
N ALA B 97 1.77 -19.56 17.52
CA ALA B 97 1.55 -19.69 18.95
C ALA B 97 0.11 -20.09 19.24
N ALA B 98 -0.12 -20.60 20.45
CA ALA B 98 -1.45 -21.07 20.83
C ALA B 98 -2.46 -19.92 20.85
N GLY B 99 -2.07 -18.76 21.40
CA GLY B 99 -3.00 -17.65 21.49
C GLY B 99 -3.37 -17.10 20.12
N LEU B 100 -2.40 -16.99 19.22
CA LEU B 100 -2.64 -16.41 17.90
C LEU B 100 -3.68 -17.20 17.11
N ALA B 101 -3.88 -18.49 17.44
CA ALA B 101 -4.88 -19.30 16.77
C ALA B 101 -6.30 -18.88 17.10
N SER B 102 -6.49 -18.03 18.10
CA SER B 102 -7.83 -17.56 18.47
C SER B 102 -8.28 -16.35 17.67
N TYR B 103 -7.43 -15.80 16.81
CA TYR B 103 -7.72 -14.59 16.05
C TYR B 103 -7.54 -14.90 14.57
N PRO B 104 -8.62 -15.24 13.86
CA PRO B 104 -8.47 -15.75 12.49
C PRO B 104 -7.91 -14.75 11.49
N GLU B 105 -8.43 -13.51 11.48
CA GLU B 105 -8.05 -12.56 10.44
C GLU B 105 -6.56 -12.25 10.49
N LEU B 106 -6.02 -12.10 11.70
CA LEU B 106 -4.60 -11.84 11.84
C LEU B 106 -3.76 -12.98 11.30
N ARG B 107 -4.15 -14.23 11.60
CA ARG B 107 -3.44 -15.38 11.05
C ARG B 107 -3.44 -15.36 9.53
N LEU B 108 -4.63 -15.16 8.93
CA LEU B 108 -4.73 -15.20 7.48
C LEU B 108 -3.87 -14.13 6.84
N PHE B 109 -3.99 -12.88 7.31
CA PHE B 109 -3.26 -11.80 6.66
C PHE B 109 -1.77 -11.85 6.98
N GLY B 110 -1.39 -12.41 8.13
CA GLY B 110 0.02 -12.61 8.40
C GLY B 110 0.65 -13.62 7.45
N GLY B 111 -0.05 -14.73 7.21
CA GLY B 111 0.43 -15.69 6.23
C GLY B 111 0.54 -15.07 4.85
N LEU B 112 -0.47 -14.27 4.46
CA LEU B 112 -0.41 -13.63 3.15
C LEU B 112 0.73 -12.64 3.06
N LEU B 113 1.00 -11.90 4.15
CA LEU B 113 2.11 -10.97 4.18
C LEU B 113 3.44 -11.70 4.03
N ARG B 114 3.58 -12.84 4.71
CA ARG B 114 4.80 -13.63 4.57
C ARG B 114 4.99 -14.09 3.13
N ARG B 115 3.90 -14.54 2.49
CA ARG B 115 3.98 -14.93 1.08
C ARG B 115 4.44 -13.76 0.21
N ALA B 116 3.86 -12.58 0.44
CA ALA B 116 4.21 -11.42 -0.37
C ALA B 116 5.67 -11.04 -0.19
N HIS B 117 6.16 -11.05 1.05
CA HIS B 117 7.56 -10.73 1.30
C HIS B 117 8.49 -11.73 0.62
N CYS B 118 8.16 -13.03 0.71
CA CYS B 118 9.00 -14.03 0.06
C CYS B 118 9.01 -13.83 -1.45
N LEU B 119 7.85 -13.55 -2.05
CA LEU B 119 7.80 -13.31 -3.48
C LEU B 119 8.63 -12.10 -3.88
N LYS B 120 8.51 -11.00 -3.13
CA LYS B 120 9.29 -9.81 -3.46
C LYS B 120 10.79 -10.08 -3.35
N ARG B 121 11.19 -10.80 -2.30
CA ARG B 121 12.62 -11.10 -2.15
C ARG B 121 13.11 -11.97 -3.29
N CYS B 122 12.32 -12.97 -3.69
CA CYS B 122 12.75 -13.87 -4.74
C CYS B 122 12.59 -13.29 -6.14
N LYS B 123 11.96 -12.13 -6.28
CA LYS B 123 11.87 -11.49 -7.60
C LYS B 123 13.03 -10.54 -7.88
N GLN B 124 13.89 -10.28 -6.90
CA GLN B 124 15.13 -9.55 -7.14
C GLN B 124 16.26 -10.47 -7.59
N GLY B 125 15.91 -11.64 -8.12
CA GLY B 125 16.85 -12.67 -8.45
C GLY B 125 17.15 -12.77 -9.93
N LEU B 126 16.41 -13.65 -10.61
CA LEU B 126 16.53 -14.00 -12.02
C LEU B 126 16.84 -12.77 -12.87
N PRO B 127 17.78 -12.87 -13.81
CA PRO B 127 18.21 -11.66 -14.55
C PRO B 127 17.08 -10.96 -15.27
N ALA B 128 16.11 -11.70 -15.82
CA ALA B 128 15.10 -11.10 -16.67
C ALA B 128 14.25 -10.06 -15.95
N PHE B 129 14.24 -10.09 -14.61
CA PHE B 129 13.45 -9.15 -13.83
C PHE B 129 14.23 -7.91 -13.42
N ARG B 130 15.46 -7.74 -13.89
CA ARG B 130 16.28 -6.60 -13.52
C ARG B 130 16.34 -5.54 -14.60
N GLN B 131 15.45 -5.60 -15.58
CA GLN B 131 15.36 -4.59 -16.63
C GLN B 131 13.98 -3.94 -16.60
N SER B 132 13.72 -3.11 -17.61
CA SER B 132 12.49 -2.32 -17.64
C SER B 132 11.26 -3.22 -17.73
N GLN B 133 10.24 -2.89 -16.95
CA GLN B 133 8.99 -3.63 -16.99
C GLN B 133 8.15 -3.17 -18.18
N PRO B 134 7.72 -4.09 -19.05
CA PRO B 134 6.86 -3.69 -20.16
C PRO B 134 5.51 -3.18 -19.69
N SER B 135 4.95 -2.26 -20.47
CA SER B 135 3.63 -1.74 -20.17
C SER B 135 2.56 -2.78 -20.47
N ARG B 136 1.34 -2.51 -20.01
CA ARG B 136 0.26 -3.48 -20.13
C ARG B 136 -0.08 -3.78 -21.59
N GLU B 137 -0.11 -2.74 -22.44
CA GLU B 137 -0.55 -2.93 -23.81
C GLU B 137 0.43 -3.78 -24.62
N VAL B 138 1.73 -3.66 -24.34
CA VAL B 138 2.71 -4.50 -25.03
C VAL B 138 2.47 -5.97 -24.71
N LEU B 139 2.27 -6.28 -23.44
CA LEU B 139 1.96 -7.67 -23.06
C LEU B 139 0.64 -8.12 -23.67
N ALA B 140 -0.36 -7.23 -23.70
CA ALA B 140 -1.65 -7.59 -24.27
C ALA B 140 -1.53 -7.95 -25.74
N ASP B 141 -0.77 -7.18 -26.51
CA ASP B 141 -0.62 -7.49 -27.92
C ASP B 141 0.27 -8.70 -28.14
N PHE B 142 1.30 -8.89 -27.30
CA PHE B 142 2.14 -10.08 -27.43
C PHE B 142 1.35 -11.34 -27.15
N GLN B 143 0.43 -11.29 -26.18
CA GLN B 143 -0.44 -12.43 -25.95
C GLN B 143 -1.31 -12.70 -27.17
N ARG B 144 -1.64 -11.67 -27.94
CA ARG B 144 -2.42 -11.80 -29.16
C ARG B 144 -1.58 -12.26 -30.35
N ARG B 145 -0.29 -12.53 -30.14
CA ARG B 145 0.58 -13.13 -31.16
C ARG B 145 0.65 -12.30 -32.43
N GLU B 146 0.59 -10.97 -32.30
CA GLU B 146 0.63 -10.10 -33.47
C GLU B 146 2.01 -9.96 -34.14
N PRO B 147 3.14 -10.03 -33.41
CA PRO B 147 4.43 -9.84 -34.11
C PRO B 147 4.72 -10.89 -35.16
N TYR B 148 4.06 -12.06 -35.09
CA TYR B 148 4.32 -13.11 -36.06
C TYR B 148 3.95 -12.68 -37.47
N LYS B 149 3.00 -11.76 -37.63
CA LYS B 149 2.68 -11.25 -38.95
C LYS B 149 3.86 -10.49 -39.56
N PHE B 150 4.43 -9.55 -38.82
CA PHE B 150 5.60 -8.84 -39.29
C PHE B 150 6.76 -9.80 -39.51
N LEU B 151 6.88 -10.80 -38.64
CA LEU B 151 7.96 -11.76 -38.75
C LEU B 151 7.83 -12.58 -40.04
N GLN B 152 6.60 -12.99 -40.38
CA GLN B 152 6.39 -13.76 -41.60
C GLN B 152 6.63 -12.90 -42.83
N PHE B 153 6.23 -11.63 -42.80
CA PHE B 153 6.52 -10.76 -43.94
C PHE B 153 8.03 -10.59 -44.12
N ALA B 154 8.75 -10.41 -43.02
CA ALA B 154 10.21 -10.31 -43.09
C ALA B 154 10.83 -11.61 -43.61
N TYR B 155 10.32 -12.75 -43.15
CA TYR B 155 10.83 -14.03 -43.63
C TYR B 155 10.62 -14.19 -45.12
N PHE B 156 9.45 -13.80 -45.63
CA PHE B 156 9.23 -13.82 -47.07
C PHE B 156 10.22 -12.91 -47.78
N LYS B 157 10.46 -11.72 -47.23
CA LYS B 157 11.43 -10.84 -47.88
C LYS B 157 12.88 -11.33 -47.75
N ALA B 158 13.16 -12.52 -47.20
CA ALA B 158 14.54 -12.98 -47.04
C ALA B 158 14.72 -14.44 -47.48
N ASN B 159 13.77 -14.99 -48.23
CA ASN B 159 13.89 -16.34 -48.81
C ASN B 159 14.05 -17.40 -47.72
N ASN B 160 13.05 -17.49 -46.85
CA ASN B 160 12.98 -18.49 -45.78
C ASN B 160 11.59 -19.10 -45.74
N LEU B 161 11.15 -19.61 -46.88
CA LEU B 161 9.76 -20.01 -47.10
C LEU B 161 9.18 -20.92 -46.02
N PRO B 162 9.85 -22.00 -45.59
CA PRO B 162 9.27 -22.81 -44.51
C PRO B 162 9.02 -22.02 -43.24
N LYS B 163 9.93 -21.12 -42.87
CA LYS B 163 9.73 -20.30 -41.68
C LYS B 163 8.53 -19.38 -41.84
N ALA B 164 8.38 -18.79 -43.02
CA ALA B 164 7.22 -17.93 -43.27
C ALA B 164 5.92 -18.72 -43.19
N ILE B 165 5.92 -19.93 -43.75
CA ILE B 165 4.73 -20.79 -43.69
C ILE B 165 4.39 -21.11 -42.24
N ALA B 166 5.40 -21.45 -41.45
CA ALA B 166 5.18 -21.76 -40.04
C ALA B 166 4.63 -20.55 -39.29
N ALA B 167 5.19 -19.37 -39.55
CA ALA B 167 4.70 -18.17 -38.87
C ALA B 167 3.26 -17.86 -39.25
N ALA B 168 2.93 -17.99 -40.53
CA ALA B 168 1.56 -17.75 -40.96
C ALA B 168 0.58 -18.72 -40.29
N HIS B 169 0.94 -20.00 -40.26
CA HIS B 169 0.08 -20.99 -39.62
C HIS B 169 -0.04 -20.73 -38.12
N THR B 170 1.06 -20.31 -37.49
CA THR B 170 1.04 -20.04 -36.06
C THR B 170 0.11 -18.88 -35.74
N PHE B 171 0.14 -17.82 -36.56
CA PHE B 171 -0.80 -16.73 -36.33
C PHE B 171 -2.23 -17.14 -36.65
N LEU B 172 -2.43 -18.00 -37.65
CA LEU B 172 -3.77 -18.42 -38.01
C LEU B 172 -4.41 -19.28 -36.93
N LEU B 173 -3.60 -20.08 -36.22
CA LEU B 173 -4.17 -20.96 -35.21
C LEU B 173 -4.89 -20.19 -34.11
N LYS B 174 -4.30 -19.08 -33.64
CA LYS B 174 -4.94 -18.31 -32.58
C LYS B 174 -6.11 -17.49 -33.12
N HIS B 175 -6.02 -17.02 -34.36
CA HIS B 175 -7.06 -16.20 -34.97
C HIS B 175 -7.53 -16.85 -36.26
N PRO B 176 -8.62 -17.62 -36.24
CA PRO B 176 -9.05 -18.35 -37.44
C PRO B 176 -10.06 -17.63 -38.32
N ASP B 177 -10.47 -16.42 -37.98
CA ASP B 177 -11.54 -15.74 -38.71
C ASP B 177 -11.05 -14.57 -39.57
N ASP B 178 -9.74 -14.41 -39.73
CA ASP B 178 -9.24 -13.28 -40.49
C ASP B 178 -9.37 -13.54 -41.99
N GLU B 179 -9.04 -12.51 -42.77
CA GLU B 179 -9.26 -12.52 -44.22
C GLU B 179 -7.96 -12.49 -45.00
N MET B 180 -7.08 -11.51 -44.74
CA MET B 180 -5.85 -11.42 -45.51
C MET B 180 -4.89 -12.56 -45.19
N MET B 181 -4.89 -13.04 -43.95
CA MET B 181 -4.02 -14.17 -43.61
C MET B 181 -4.45 -15.44 -44.33
N LYS B 182 -5.75 -15.63 -44.53
CA LYS B 182 -6.22 -16.77 -45.31
C LYS B 182 -5.72 -16.69 -46.75
N ARG B 183 -5.80 -15.50 -47.35
CA ARG B 183 -5.30 -15.34 -48.72
C ARG B 183 -3.80 -15.59 -48.79
N ASN B 184 -3.05 -15.09 -47.81
CA ASN B 184 -1.61 -15.34 -47.78
C ASN B 184 -1.32 -16.84 -47.67
N MET B 185 -2.03 -17.52 -46.77
CA MET B 185 -1.79 -18.96 -46.58
C MET B 185 -2.15 -19.74 -47.85
N ALA B 186 -3.23 -19.36 -48.52
CA ALA B 186 -3.57 -20.01 -49.78
C ALA B 186 -2.48 -19.76 -50.83
N TYR B 187 -1.95 -18.54 -50.89
CA TYR B 187 -0.86 -18.25 -51.81
C TYR B 187 0.36 -19.12 -51.51
N TYR B 188 0.70 -19.26 -50.23
CA TYR B 188 1.84 -20.08 -49.85
C TYR B 188 1.62 -21.55 -50.19
N LYS B 189 0.40 -22.06 -49.93
CA LYS B 189 0.08 -23.43 -50.26
C LYS B 189 0.16 -23.67 -51.77
N SER B 190 -0.20 -22.64 -52.56
CA SER B 190 -0.08 -22.76 -54.01
C SER B 190 1.39 -22.89 -54.44
N LEU B 191 2.32 -22.33 -53.66
CA LEU B 191 3.72 -22.45 -53.99
C LEU B 191 4.17 -23.91 -53.87
N PRO B 192 4.90 -24.44 -54.84
CA PRO B 192 5.30 -25.85 -54.79
C PRO B 192 6.27 -26.12 -53.66
N GLY B 193 6.27 -27.35 -53.18
CA GLY B 193 7.14 -27.80 -52.10
C GLY B 193 6.63 -27.51 -50.71
N ALA B 194 5.94 -26.38 -50.52
CA ALA B 194 5.44 -25.96 -49.22
C ALA B 194 4.17 -26.75 -48.89
N GLU B 195 4.36 -28.02 -48.53
CA GLU B 195 3.26 -28.87 -48.14
C GLU B 195 3.54 -29.71 -46.89
N ASP B 196 4.73 -29.60 -46.30
CA ASP B 196 5.09 -30.40 -45.14
C ASP B 196 5.68 -29.60 -43.99
N TYR B 197 6.08 -28.35 -44.20
CA TYR B 197 6.67 -27.53 -43.15
C TYR B 197 5.64 -26.85 -42.27
N ILE B 198 4.39 -27.28 -42.32
CA ILE B 198 3.33 -26.67 -41.53
C ILE B 198 3.52 -27.12 -40.08
N LYS B 199 4.14 -26.26 -39.28
CA LYS B 199 4.45 -26.56 -37.88
C LYS B 199 4.04 -25.37 -37.02
N ASP B 200 3.71 -25.67 -35.76
CA ASP B 200 3.36 -24.64 -34.79
C ASP B 200 4.63 -24.23 -34.05
N LEU B 201 5.03 -22.97 -34.22
CA LEU B 201 6.25 -22.49 -33.57
C LEU B 201 6.10 -22.44 -32.06
N GLU B 202 5.00 -21.85 -31.58
CA GLU B 202 4.71 -21.80 -30.15
C GLU B 202 3.98 -23.08 -29.75
N THR B 203 4.75 -24.15 -29.66
CA THR B 203 4.24 -25.46 -29.28
C THR B 203 4.51 -25.72 -27.81
N LYS B 204 3.82 -26.74 -27.28
CA LYS B 204 4.00 -27.17 -25.91
C LYS B 204 4.29 -28.67 -25.90
N SER B 205 4.73 -29.17 -24.76
CA SER B 205 5.07 -30.59 -24.65
C SER B 205 3.82 -31.45 -24.68
N TYR B 206 2.79 -31.08 -23.93
CA TYR B 206 1.66 -31.98 -23.72
C TYR B 206 0.89 -32.20 -25.01
N GLU B 207 0.81 -31.19 -25.87
CA GLU B 207 0.10 -31.38 -27.13
C GLU B 207 0.83 -32.38 -28.04
N SER B 208 2.16 -32.29 -28.11
CA SER B 208 2.92 -33.26 -28.89
C SER B 208 2.77 -34.66 -28.30
N LEU B 209 2.84 -34.78 -26.98
CA LEU B 209 2.65 -36.08 -26.35
C LEU B 209 1.25 -36.63 -26.62
N PHE B 210 0.24 -35.77 -26.58
CA PHE B 210 -1.13 -36.20 -26.86
C PHE B 210 -1.27 -36.68 -28.29
N ILE B 211 -0.67 -35.96 -29.24
CA ILE B 211 -0.74 -36.37 -30.64
C ILE B 211 -0.06 -37.73 -30.83
N ARG B 212 1.12 -37.90 -30.22
CA ARG B 212 1.81 -39.18 -30.34
C ARG B 212 1.00 -40.30 -29.70
N ALA B 213 0.38 -40.04 -28.54
CA ALA B 213 -0.41 -41.06 -27.87
C ALA B 213 -1.63 -41.46 -28.70
N VAL B 214 -2.30 -40.47 -29.30
CA VAL B 214 -3.46 -40.79 -30.15
C VAL B 214 -3.02 -41.59 -31.38
N ARG B 215 -1.90 -41.20 -31.98
CA ARG B 215 -1.38 -41.94 -33.13
C ARG B 215 -1.07 -43.37 -32.76
N ALA B 216 -0.45 -43.59 -31.59
CA ALA B 216 -0.16 -44.94 -31.15
C ALA B 216 -1.44 -45.72 -30.86
N TYR B 217 -2.44 -45.05 -30.28
CA TYR B 217 -3.71 -45.71 -29.98
C TYR B 217 -4.39 -46.19 -31.25
N ASN B 218 -4.43 -45.34 -32.28
CA ASN B 218 -5.03 -45.75 -33.54
C ASN B 218 -4.23 -46.84 -34.24
N GLY B 219 -3.00 -47.10 -33.80
CA GLY B 219 -2.21 -48.17 -34.33
C GLY B 219 -2.37 -49.46 -33.54
N GLU B 220 -3.37 -49.49 -32.67
CA GLU B 220 -3.68 -50.66 -31.83
C GLU B 220 -2.50 -51.05 -30.96
N ASN B 221 -1.70 -50.06 -30.54
CA ASN B 221 -0.63 -50.26 -29.60
C ASN B 221 -1.04 -49.68 -28.26
N TRP B 222 -0.83 -50.45 -27.19
CA TRP B 222 -1.40 -50.12 -25.88
C TRP B 222 -0.38 -49.58 -24.90
N ARG B 223 0.72 -50.30 -24.66
CA ARG B 223 1.66 -49.90 -23.61
C ARG B 223 2.26 -48.53 -23.87
N THR B 224 2.65 -48.27 -25.13
CA THR B 224 3.21 -46.96 -25.47
C THR B 224 2.20 -45.85 -25.23
N SER B 225 0.93 -46.10 -25.58
CA SER B 225 -0.10 -45.11 -25.32
C SER B 225 -0.22 -44.81 -23.84
N ILE B 226 -0.22 -45.85 -23.00
CA ILE B 226 -0.32 -45.64 -21.56
C ILE B 226 0.85 -44.83 -21.05
N THR B 227 2.08 -45.20 -21.47
CA THR B 227 3.25 -44.49 -20.97
C THR B 227 3.23 -43.02 -21.37
N ASP B 228 3.02 -42.75 -22.66
CA ASP B 228 3.03 -41.37 -23.12
C ASP B 228 1.90 -40.55 -22.50
N MET B 229 0.71 -41.14 -22.39
CA MET B 229 -0.42 -40.41 -21.85
C MET B 229 -0.21 -40.10 -20.37
N GLU B 230 0.31 -41.06 -19.61
CA GLU B 230 0.62 -40.84 -18.21
C GLU B 230 1.69 -39.79 -18.04
N LEU B 231 2.68 -39.74 -18.95
CA LEU B 231 3.63 -38.63 -18.92
C LEU B 231 2.94 -37.31 -19.21
N ALA B 232 1.95 -37.33 -20.12
CA ALA B 232 1.29 -36.09 -20.53
C ALA B 232 0.45 -35.47 -19.42
N LEU B 233 -0.23 -36.30 -18.62
CA LEU B 233 -1.18 -35.79 -17.62
C LEU B 233 -0.59 -34.71 -16.70
N PRO B 234 0.42 -35.03 -15.87
CA PRO B 234 0.88 -34.04 -14.89
C PRO B 234 1.50 -32.82 -15.53
N ASP B 235 2.07 -32.95 -16.74
CA ASP B 235 2.60 -31.80 -17.42
C ASP B 235 1.50 -30.79 -17.71
N PHE B 236 0.37 -31.26 -18.22
CA PHE B 236 -0.76 -30.37 -18.47
C PHE B 236 -1.29 -29.79 -17.17
N PHE B 237 -1.36 -30.59 -16.10
CA PHE B 237 -1.83 -30.04 -14.83
C PHE B 237 -0.91 -28.92 -14.34
N LYS B 238 0.40 -29.13 -14.43
CA LYS B 238 1.36 -28.12 -14.00
C LYS B 238 1.23 -26.86 -14.84
N ALA B 239 1.11 -27.02 -16.16
CA ALA B 239 0.99 -25.85 -17.03
C ALA B 239 -0.29 -25.07 -16.73
N PHE B 240 -1.40 -25.79 -16.50
CA PHE B 240 -2.65 -25.11 -16.20
C PHE B 240 -2.57 -24.35 -14.88
N TYR B 241 -1.97 -24.97 -13.85
CA TYR B 241 -1.83 -24.28 -12.58
C TYR B 241 -0.93 -23.06 -12.69
N GLU B 242 0.15 -23.17 -13.48
CA GLU B 242 1.01 -22.01 -13.70
C GLU B 242 0.26 -20.88 -14.40
N CYS B 243 -0.53 -21.23 -15.43
CA CYS B 243 -1.27 -20.21 -16.17
C CYS B 243 -2.34 -19.56 -15.29
N LEU B 244 -2.91 -20.33 -14.37
CA LEU B 244 -3.81 -19.74 -13.38
C LEU B 244 -3.05 -18.77 -12.47
N ALA B 245 -1.88 -19.18 -11.99
CA ALA B 245 -1.14 -18.36 -11.03
C ALA B 245 -0.69 -17.05 -11.66
N ALA B 246 -0.10 -17.10 -12.85
CA ALA B 246 0.41 -15.91 -13.50
C ALA B 246 -0.68 -15.05 -14.12
N CYS B 247 -1.95 -15.38 -13.88
CA CYS B 247 -3.05 -14.60 -14.44
C CYS B 247 -3.43 -13.42 -13.56
N GLU B 248 -3.00 -13.41 -12.31
CA GLU B 248 -3.32 -12.32 -11.39
C GLU B 248 -2.46 -11.10 -11.73
N GLY B 249 -2.88 -10.41 -12.79
CA GLY B 249 -2.18 -9.23 -13.26
C GLY B 249 -2.57 -7.99 -12.47
N SER B 250 -2.03 -6.86 -12.91
CA SER B 250 -2.29 -5.58 -12.29
C SER B 250 -3.62 -5.02 -12.81
N ARG B 251 -3.91 -3.77 -12.45
CA ARG B 251 -5.10 -3.09 -12.94
C ARG B 251 -4.83 -1.60 -12.95
N GLU B 252 -5.64 -0.87 -13.70
CA GLU B 252 -5.60 0.58 -13.71
C GLU B 252 -6.62 1.12 -12.73
N ILE B 253 -6.18 2.00 -11.84
CA ILE B 253 -7.05 2.53 -10.80
C ILE B 253 -7.99 3.56 -11.41
N LYS B 254 -9.29 3.37 -11.20
CA LYS B 254 -10.30 4.25 -11.78
C LYS B 254 -11.33 4.75 -10.78
N ASP B 255 -11.30 4.30 -9.54
CA ASP B 255 -12.25 4.77 -8.53
C ASP B 255 -11.68 4.51 -7.15
N PHE B 256 -12.25 5.21 -6.17
CA PHE B 256 -11.89 5.05 -4.77
C PHE B 256 -13.11 4.53 -4.01
N LYS B 257 -12.91 3.47 -3.23
CA LYS B 257 -13.99 2.89 -2.45
C LYS B 257 -13.50 2.52 -1.05
N ASP B 258 -14.33 1.81 -0.29
CA ASP B 258 -13.93 1.31 1.03
C ASP B 258 -12.95 0.16 0.84
N PHE B 259 -12.53 -0.46 1.94
CA PHE B 259 -11.58 -1.58 1.85
C PHE B 259 -12.19 -2.74 1.08
N TYR B 260 -13.27 -3.31 1.62
CA TYR B 260 -13.80 -4.57 1.13
C TYR B 260 -14.26 -4.47 -0.32
N LEU B 261 -14.99 -3.40 -0.65
CA LEU B 261 -15.49 -3.25 -2.02
C LEU B 261 -14.34 -3.01 -3.00
N SER B 262 -13.41 -2.14 -2.62
CA SER B 262 -12.32 -1.78 -3.53
C SER B 262 -11.31 -2.90 -3.69
N ILE B 263 -11.38 -3.96 -2.88
CA ILE B 263 -10.60 -5.15 -3.25
C ILE B 263 -11.47 -6.22 -3.91
N ALA B 264 -12.76 -6.29 -3.57
CA ALA B 264 -13.63 -7.27 -4.21
C ALA B 264 -13.79 -7.02 -5.70
N ASP B 265 -13.83 -5.75 -6.12
CA ASP B 265 -13.91 -5.47 -7.55
C ASP B 265 -12.67 -5.95 -8.29
N HIS B 266 -11.49 -5.72 -7.71
CA HIS B 266 -10.24 -6.20 -8.28
C HIS B 266 -10.26 -7.70 -8.46
N TYR B 267 -10.68 -8.44 -7.43
CA TYR B 267 -10.75 -9.88 -7.55
C TYR B 267 -11.81 -10.35 -8.52
N VAL B 268 -12.89 -9.58 -8.70
CA VAL B 268 -13.89 -9.94 -9.71
C VAL B 268 -13.27 -9.88 -11.10
N GLU B 269 -12.52 -8.81 -11.38
CA GLU B 269 -11.82 -8.72 -12.66
C GLU B 269 -10.83 -9.86 -12.83
N VAL B 270 -10.05 -10.13 -11.79
CA VAL B 270 -9.05 -11.21 -11.88
C VAL B 270 -9.74 -12.56 -12.07
N LEU B 271 -10.91 -12.74 -11.45
CA LEU B 271 -11.66 -13.98 -11.61
C LEU B 271 -12.18 -14.16 -13.03
N GLU B 272 -12.64 -13.06 -13.65
CA GLU B 272 -13.01 -13.14 -15.05
C GLU B 272 -11.82 -13.59 -15.92
N CYS B 273 -10.67 -12.94 -15.71
CA CYS B 273 -9.51 -13.32 -16.52
C CYS B 273 -9.04 -14.73 -16.19
N LYS B 274 -9.32 -15.22 -14.98
CA LYS B 274 -8.96 -16.58 -14.60
C LYS B 274 -9.87 -17.59 -15.26
N ILE B 275 -11.18 -17.36 -15.21
CA ILE B 275 -12.11 -18.30 -15.82
C ILE B 275 -11.95 -18.33 -17.33
N GLN B 276 -11.40 -17.26 -17.91
CA GLN B 276 -11.00 -17.32 -19.32
C GLN B 276 -9.61 -17.94 -19.50
N CYS B 277 -9.37 -19.12 -18.92
CA CYS B 277 -8.05 -19.73 -19.03
C CYS B 277 -8.06 -21.19 -19.46
N GLU B 278 -9.07 -21.97 -19.10
CA GLU B 278 -9.05 -23.40 -19.42
C GLU B 278 -9.13 -23.64 -20.93
N GLU B 279 -10.01 -22.89 -21.61
CA GLU B 279 -10.21 -23.10 -23.03
C GLU B 279 -9.01 -22.67 -23.86
N ASN B 280 -8.22 -21.71 -23.36
CA ASN B 280 -7.04 -21.27 -24.09
C ASN B 280 -6.01 -22.39 -24.20
N LEU B 281 -5.80 -23.13 -23.11
CA LEU B 281 -4.79 -24.19 -23.08
C LEU B 281 -5.18 -25.42 -23.88
N THR B 282 -6.41 -25.50 -24.37
CA THR B 282 -6.87 -26.68 -25.08
C THR B 282 -6.14 -26.82 -26.41
N PRO B 283 -5.46 -27.94 -26.66
CA PRO B 283 -4.82 -28.15 -27.97
C PRO B 283 -5.85 -28.33 -29.06
N VAL B 284 -5.46 -27.93 -30.27
CA VAL B 284 -6.35 -27.96 -31.43
C VAL B 284 -5.71 -28.85 -32.50
N ILE B 285 -6.54 -29.64 -33.18
CA ILE B 285 -6.11 -30.46 -34.30
C ILE B 285 -7.18 -30.39 -35.39
N GLY B 286 -6.74 -30.21 -36.63
CA GLY B 286 -7.69 -30.09 -37.74
C GLY B 286 -8.53 -28.84 -37.71
N GLY B 287 -8.14 -27.84 -36.94
CA GLY B 287 -8.88 -26.58 -36.87
C GLY B 287 -10.09 -26.59 -35.97
N TYR B 288 -10.40 -27.71 -35.33
CA TYR B 288 -11.55 -27.80 -34.44
C TYR B 288 -11.08 -28.15 -33.03
N PRO B 289 -11.06 -27.20 -32.09
CA PRO B 289 -10.62 -27.52 -30.73
C PRO B 289 -11.49 -28.58 -30.10
N VAL B 290 -10.86 -29.50 -29.39
CA VAL B 290 -11.56 -30.62 -28.77
C VAL B 290 -12.20 -30.15 -27.47
N GLU B 291 -13.34 -30.77 -27.12
CA GLU B 291 -14.05 -30.45 -25.90
C GLU B 291 -13.81 -31.52 -24.84
N LYS B 292 -13.82 -31.10 -23.58
CA LYS B 292 -13.61 -31.99 -22.44
C LYS B 292 -12.27 -32.73 -22.58
N PHE B 293 -11.19 -31.95 -22.57
CA PHE B 293 -9.87 -32.49 -22.86
C PHE B 293 -9.46 -33.55 -21.84
N VAL B 294 -9.57 -33.23 -20.56
CA VAL B 294 -9.22 -34.20 -19.52
C VAL B 294 -10.11 -35.43 -19.60
N ALA B 295 -11.38 -35.22 -19.95
CA ALA B 295 -12.27 -36.34 -20.13
C ALA B 295 -11.80 -37.26 -21.25
N THR B 296 -11.33 -36.68 -22.36
CA THR B 296 -10.79 -37.49 -23.44
C THR B 296 -9.54 -38.24 -23.00
N MET B 297 -8.68 -37.56 -22.24
CA MET B 297 -7.50 -38.22 -21.68
C MET B 297 -7.89 -39.47 -20.89
N TYR B 298 -8.79 -39.30 -19.93
CA TYR B 298 -9.17 -40.40 -19.06
C TYR B 298 -9.92 -41.48 -19.82
N HIS B 299 -10.68 -41.10 -20.85
CA HIS B 299 -11.38 -42.09 -21.67
C HIS B 299 -10.39 -42.98 -22.39
N TYR B 300 -9.40 -42.38 -23.06
CA TYR B 300 -8.40 -43.19 -23.75
C TYR B 300 -7.61 -44.04 -22.76
N LEU B 301 -7.26 -43.48 -21.61
CA LEU B 301 -6.53 -44.25 -20.60
C LEU B 301 -7.34 -45.46 -20.15
N GLN B 302 -8.63 -45.26 -19.88
CA GLN B 302 -9.46 -46.37 -19.41
C GLN B 302 -9.61 -47.44 -20.48
N PHE B 303 -9.80 -47.02 -21.74
CA PHE B 303 -9.94 -48.00 -22.80
C PHE B 303 -8.66 -48.82 -22.97
N ALA B 304 -7.50 -48.16 -22.91
CA ALA B 304 -6.24 -48.89 -23.02
C ALA B 304 -6.05 -49.85 -21.86
N TYR B 305 -6.32 -49.39 -20.63
CA TYR B 305 -6.15 -50.25 -19.47
C TYR B 305 -7.09 -51.45 -19.53
N TYR B 306 -8.33 -51.25 -19.96
CA TYR B 306 -9.25 -52.37 -20.13
C TYR B 306 -8.73 -53.34 -21.19
N LYS B 307 -8.22 -52.82 -22.30
CA LYS B 307 -7.67 -53.70 -23.33
C LYS B 307 -6.48 -54.49 -22.81
N LEU B 308 -5.75 -53.95 -21.83
CA LEU B 308 -4.66 -54.69 -21.21
C LEU B 308 -5.14 -55.59 -20.08
N ASN B 309 -6.43 -55.56 -19.75
CA ASN B 309 -7.06 -56.42 -18.75
C ASN B 309 -6.48 -56.23 -17.34
N ASP B 310 -5.94 -55.05 -17.05
CA ASP B 310 -5.52 -54.71 -15.69
C ASP B 310 -6.57 -53.79 -15.07
N LEU B 311 -7.59 -54.42 -14.49
CA LEU B 311 -8.68 -53.70 -13.86
C LEU B 311 -8.21 -52.79 -12.72
N LYS B 312 -7.12 -53.18 -12.03
CA LYS B 312 -6.66 -52.46 -10.86
C LYS B 312 -6.37 -51.00 -11.19
N ASN B 313 -5.92 -50.74 -12.41
CA ASN B 313 -5.75 -49.37 -12.90
C ASN B 313 -6.96 -48.88 -13.68
N ALA B 314 -7.78 -49.79 -14.21
CA ALA B 314 -8.91 -49.40 -15.04
C ALA B 314 -9.99 -48.70 -14.22
N ALA B 315 -10.27 -49.19 -13.01
CA ALA B 315 -11.39 -48.65 -12.24
C ALA B 315 -11.27 -47.16 -11.96
N PRO B 316 -10.14 -46.61 -11.48
CA PRO B 316 -10.10 -45.17 -11.18
C PRO B 316 -10.37 -44.30 -12.38
N CYS B 317 -9.91 -44.69 -13.56
CA CYS B 317 -10.17 -43.89 -14.76
C CYS B 317 -11.66 -43.80 -15.05
N ALA B 318 -12.36 -44.93 -14.96
CA ALA B 318 -13.81 -44.91 -15.16
C ALA B 318 -14.50 -44.05 -14.12
N VAL B 319 -14.07 -44.15 -12.86
CA VAL B 319 -14.68 -43.34 -11.81
C VAL B 319 -14.48 -41.85 -12.10
N SER B 320 -13.26 -41.47 -12.50
CA SER B 320 -12.97 -40.06 -12.75
C SER B 320 -13.78 -39.53 -13.93
N TYR B 321 -13.83 -40.28 -15.04
CA TYR B 321 -14.59 -39.81 -16.20
C TYR B 321 -16.07 -39.72 -15.87
N LEU B 322 -16.63 -40.70 -15.16
CA LEU B 322 -18.02 -40.61 -14.75
C LEU B 322 -18.24 -39.42 -13.82
N LEU B 323 -17.23 -39.05 -13.03
CA LEU B 323 -17.32 -37.81 -12.26
C LEU B 323 -17.39 -36.60 -13.18
N PHE B 324 -16.59 -36.59 -14.25
CA PHE B 324 -16.54 -35.41 -15.12
C PHE B 324 -17.79 -35.31 -15.99
N ASP B 325 -18.46 -36.43 -16.27
CA ASP B 325 -19.69 -36.44 -17.05
C ASP B 325 -20.67 -37.34 -16.33
N GLN B 326 -21.72 -36.74 -15.76
CA GLN B 326 -22.70 -37.47 -14.96
C GLN B 326 -23.65 -38.32 -15.79
N ASN B 327 -23.66 -38.18 -17.11
CA ASN B 327 -24.64 -38.90 -17.94
C ASN B 327 -23.90 -39.57 -19.09
N ASP B 328 -23.82 -40.90 -19.03
CA ASP B 328 -23.31 -41.70 -20.15
C ASP B 328 -23.81 -43.13 -19.94
N LYS B 329 -24.70 -43.59 -20.81
CA LYS B 329 -25.26 -44.93 -20.66
C LYS B 329 -24.18 -45.99 -20.78
N VAL B 330 -23.26 -45.84 -21.74
CA VAL B 330 -22.26 -46.86 -21.97
C VAL B 330 -21.41 -47.07 -20.72
N MET B 331 -20.97 -45.96 -20.11
CA MET B 331 -20.11 -46.11 -18.94
C MET B 331 -20.88 -46.52 -17.70
N GLN B 332 -22.15 -46.12 -17.56
CA GLN B 332 -22.93 -46.67 -16.47
C GLN B 332 -23.07 -48.18 -16.62
N GLN B 333 -23.29 -48.66 -17.84
CA GLN B 333 -23.40 -50.10 -18.06
C GLN B 333 -22.12 -50.83 -17.69
N ASN B 334 -20.96 -50.41 -18.20
CA ASN B 334 -19.79 -51.24 -17.90
C ASN B 334 -19.33 -51.00 -16.47
N LEU B 335 -19.67 -49.86 -15.88
CA LEU B 335 -19.39 -49.67 -14.45
C LEU B 335 -20.21 -50.64 -13.61
N VAL B 336 -21.47 -50.87 -14.00
CA VAL B 336 -22.28 -51.88 -13.32
C VAL B 336 -21.66 -53.26 -13.51
N TYR B 337 -21.21 -53.56 -14.73
CA TYR B 337 -20.59 -54.86 -14.98
C TYR B 337 -19.30 -55.04 -14.17
N TYR B 338 -18.51 -53.98 -14.04
CA TYR B 338 -17.37 -53.96 -13.12
C TYR B 338 -17.82 -54.24 -11.69
N GLN B 339 -18.92 -53.61 -11.27
CA GLN B 339 -19.41 -53.80 -9.90
C GLN B 339 -19.89 -55.23 -9.66
N TYR B 340 -20.42 -55.89 -10.70
CA TYR B 340 -20.93 -57.24 -10.54
C TYR B 340 -19.85 -58.22 -10.10
N HIS B 341 -18.59 -57.97 -10.46
CA HIS B 341 -17.47 -58.81 -10.07
C HIS B 341 -16.70 -58.09 -8.96
N ARG B 342 -17.13 -58.33 -7.72
CA ARG B 342 -16.52 -57.65 -6.57
C ARG B 342 -15.05 -58.04 -6.40
N ASP B 343 -14.75 -59.32 -6.55
CA ASP B 343 -13.38 -59.79 -6.33
C ASP B 343 -12.94 -60.82 -7.38
N THR B 344 -13.69 -60.93 -8.48
CA THR B 344 -13.30 -61.89 -9.52
C THR B 344 -11.97 -61.52 -10.14
N TRP B 345 -11.72 -60.23 -10.34
CA TRP B 345 -10.42 -59.75 -10.78
C TRP B 345 -9.48 -59.42 -9.62
N GLY B 346 -9.96 -59.55 -8.38
CA GLY B 346 -9.12 -59.28 -7.21
C GLY B 346 -8.88 -57.81 -6.96
N LEU B 347 -9.93 -57.07 -6.62
CA LEU B 347 -9.83 -55.65 -6.36
C LEU B 347 -10.53 -55.32 -5.04
N SER B 348 -10.05 -54.26 -4.39
CA SER B 348 -10.52 -53.85 -3.07
C SER B 348 -11.22 -52.50 -3.16
N ASP B 349 -11.71 -52.03 -2.01
CA ASP B 349 -12.46 -50.79 -1.94
C ASP B 349 -11.60 -49.56 -2.23
N GLU B 350 -10.29 -49.71 -2.28
CA GLU B 350 -9.39 -48.61 -2.63
C GLU B 350 -9.33 -48.37 -4.14
N HIS B 351 -10.27 -48.93 -4.90
CA HIS B 351 -10.26 -48.84 -6.35
C HIS B 351 -11.65 -48.49 -6.88
N PHE B 352 -12.37 -47.63 -6.16
CA PHE B 352 -13.63 -47.09 -6.67
C PHE B 352 -13.78 -45.61 -6.32
N GLN B 353 -12.71 -44.95 -5.90
CA GLN B 353 -12.67 -43.53 -5.61
C GLN B 353 -11.83 -42.82 -6.67
N PRO B 354 -12.13 -41.54 -6.95
CA PRO B 354 -11.41 -40.83 -8.00
C PRO B 354 -9.95 -40.58 -7.65
N ARG B 355 -9.15 -40.40 -8.70
CA ARG B 355 -7.76 -39.99 -8.52
C ARG B 355 -7.72 -38.61 -7.87
N PRO B 356 -6.73 -38.36 -7.01
CA PRO B 356 -6.65 -37.04 -6.34
C PRO B 356 -6.52 -35.88 -7.31
N GLU B 357 -5.76 -36.04 -8.39
CA GLU B 357 -5.52 -34.94 -9.31
C GLU B 357 -6.80 -34.49 -9.99
N ALA B 358 -7.61 -35.46 -10.44
CA ALA B 358 -8.88 -35.12 -11.06
C ALA B 358 -9.80 -34.42 -10.06
N VAL B 359 -9.78 -34.85 -8.80
CA VAL B 359 -10.56 -34.20 -7.76
C VAL B 359 -10.14 -32.73 -7.64
N GLN B 360 -8.84 -32.48 -7.60
CA GLN B 360 -8.33 -31.13 -7.49
C GLN B 360 -8.79 -30.27 -8.66
N PHE B 361 -8.64 -30.80 -9.88
CA PHE B 361 -9.01 -30.04 -11.07
C PHE B 361 -10.50 -29.73 -11.10
N PHE B 362 -11.33 -30.74 -10.83
CA PHE B 362 -12.77 -30.54 -10.86
C PHE B 362 -13.22 -29.55 -9.79
N ASN B 363 -12.65 -29.66 -8.58
CA ASN B 363 -13.02 -28.73 -7.52
C ASN B 363 -12.63 -27.31 -7.87
N VAL B 364 -11.44 -27.11 -8.43
CA VAL B 364 -11.00 -25.76 -8.78
C VAL B 364 -11.92 -25.17 -9.84
N THR B 365 -12.23 -25.94 -10.89
CA THR B 365 -13.07 -25.43 -11.96
C THR B 365 -14.48 -25.09 -11.46
N THR B 366 -15.09 -26.03 -10.71
CA THR B 366 -16.44 -25.80 -10.23
C THR B 366 -16.51 -24.62 -9.27
N LEU B 367 -15.54 -24.50 -8.36
CA LEU B 367 -15.53 -23.39 -7.42
C LEU B 367 -15.39 -22.05 -8.14
N GLN B 368 -14.51 -21.98 -9.16
CA GLN B 368 -14.38 -20.73 -9.90
C GLN B 368 -15.68 -20.37 -10.61
N LYS B 369 -16.32 -21.36 -11.26
CA LYS B 369 -17.58 -21.10 -11.93
C LYS B 369 -18.62 -20.58 -10.95
N GLU B 370 -18.76 -21.23 -9.80
CA GLU B 370 -19.77 -20.83 -8.83
C GLU B 370 -19.48 -19.45 -8.27
N LEU B 371 -18.20 -19.14 -7.99
CA LEU B 371 -17.87 -17.83 -7.46
C LEU B 371 -18.19 -16.73 -8.48
N TYR B 372 -17.86 -16.95 -9.75
CA TYR B 372 -18.21 -15.93 -10.74
C TYR B 372 -19.72 -15.77 -10.86
N ASP B 373 -20.46 -16.89 -10.83
CA ASP B 373 -21.91 -16.80 -10.94
C ASP B 373 -22.50 -16.03 -9.76
N PHE B 374 -22.02 -16.29 -8.54
CA PHE B 374 -22.50 -15.55 -7.38
C PHE B 374 -22.11 -14.08 -7.47
N ALA B 375 -20.90 -13.79 -7.97
CA ALA B 375 -20.44 -12.41 -8.01
C ALA B 375 -21.22 -11.60 -9.04
N LYS B 376 -21.59 -12.20 -10.16
CA LYS B 376 -22.28 -11.42 -11.19
C LYS B 376 -23.77 -11.37 -10.92
N GLU B 377 -24.15 -11.08 -9.67
CA GLU B 377 -25.52 -10.71 -9.33
C GLU B 377 -25.63 -9.56 -8.36
N ASN B 378 -24.60 -9.26 -7.56
CA ASN B 378 -24.70 -8.28 -6.49
C ASN B 378 -23.57 -7.25 -6.50
N ILE B 379 -22.37 -7.63 -6.90
CA ILE B 379 -21.20 -6.78 -6.65
C ILE B 379 -21.09 -5.67 -7.69
N MET B 380 -20.88 -6.04 -8.96
CA MET B 380 -20.61 -5.04 -9.97
C MET B 380 -21.85 -4.22 -10.28
N ASP B 381 -21.65 -2.91 -10.47
CA ASP B 381 -22.76 -2.01 -10.72
C ASP B 381 -23.32 -2.21 -12.13
N ASP B 382 -24.64 -2.14 -12.24
CA ASP B 382 -25.33 -2.29 -13.53
C ASP B 382 -25.69 -0.89 -14.01
N ASP B 383 -24.72 -0.22 -14.66
CA ASP B 383 -24.93 1.11 -15.19
C ASP B 383 -24.63 1.21 -16.68
N GLU B 384 -24.28 0.11 -17.34
CA GLU B 384 -24.03 0.09 -18.76
C GLU B 384 -24.97 -0.90 -19.43
N GLY B 385 -25.49 -0.52 -20.60
CA GLY B 385 -26.40 -1.38 -21.33
C GLY B 385 -26.02 -1.45 -22.80
N GLU B 386 -26.76 -2.28 -23.53
CA GLU B 386 -26.53 -2.41 -24.96
C GLU B 386 -26.89 -1.11 -25.68
N VAL B 387 -26.03 -0.73 -26.63
CA VAL B 387 -26.25 0.51 -27.38
C VAL B 387 -27.26 0.24 -28.48
N VAL B 388 -28.35 1.00 -28.47
CA VAL B 388 -29.42 0.83 -29.45
C VAL B 388 -29.30 1.88 -30.56
C1 NAG C . 27.80 7.67 -5.01
C2 NAG C . 29.08 7.82 -5.84
C3 NAG C . 29.92 6.56 -5.78
C4 NAG C . 29.89 5.98 -4.38
C5 NAG C . 28.49 5.45 -4.10
C6 NAG C . 28.12 5.49 -2.63
C7 NAG C . 29.67 8.72 -8.06
C8 NAG C . 29.18 9.01 -9.44
N2 NAG C . 28.78 8.18 -7.22
O3 NAG C . 31.26 6.86 -6.16
O4 NAG C . 30.86 4.94 -4.24
O5 NAG C . 27.50 6.24 -4.80
O6 NAG C . 29.10 6.18 -1.87
O7 NAG C . 30.82 8.98 -7.71
C1 NAG C . 30.49 3.74 -4.96
C2 NAG C . 31.62 3.31 -5.92
C3 NAG C . 32.88 2.87 -5.16
C4 NAG C . 32.53 2.44 -3.74
C5 NAG C . 31.20 1.70 -3.73
C6 NAG C . 30.87 1.10 -2.39
C7 NAG C . 31.78 2.01 -8.00
C8 NAG C . 31.18 0.91 -8.83
N2 NAG C . 31.18 2.27 -6.84
O3 NAG C . 33.82 3.92 -5.15
O4 NAG C . 33.56 1.57 -3.24
O5 NAG C . 30.15 2.63 -4.05
O6 NAG C . 31.80 1.49 -1.40
O7 NAG C . 32.77 2.64 -8.38
C1 NAG D . -16.34 -3.78 46.68
C2 NAG D . -17.20 -4.33 47.83
C3 NAG D . -18.38 -5.13 47.28
C4 NAG D . -19.17 -4.28 46.30
C5 NAG D . -18.26 -3.78 45.18
C6 NAG D . -18.95 -2.85 44.22
C7 NAG D . -16.23 -4.85 50.02
C8 NAG D . -15.37 -5.80 50.80
N2 NAG D . -16.41 -5.14 48.73
O3 NAG D . -19.21 -5.55 48.35
O4 NAG D . -20.29 -5.00 45.79
O5 NAG D . -17.17 -3.05 45.77
O6 NAG D . -20.36 -2.93 44.33
O7 NAG D . -16.72 -3.85 50.54
C1 NAG D . -19.95 -6.12 44.95
C2 NAG D . -20.83 -7.29 45.37
C3 NAG D . -21.07 -8.26 44.19
C4 NAG D . -19.99 -8.19 43.12
C5 NAG D . -19.62 -6.76 42.71
C6 NAG D . -20.11 -6.40 41.33
C7 NAG D . -19.10 -8.57 46.60
C8 NAG D . -18.77 -9.24 47.90
N2 NAG D . -20.30 -8.00 46.53
O3 NAG D . -22.35 -7.97 43.61
O4 NAG D . -18.83 -8.87 43.57
O5 NAG D . -20.19 -5.81 43.62
O6 NAG D . -20.46 -7.56 40.59
O7 NAG D . -18.30 -8.55 45.67
C1 NAG E . -13.81 -31.03 -3.29
C2 NAG E . -14.35 -32.40 -3.71
C3 NAG E . -14.12 -33.42 -2.60
C4 NAG E . -14.65 -32.92 -1.27
C5 NAG E . -14.15 -31.51 -1.00
C6 NAG E . -13.45 -31.37 0.33
C7 NAG E . -16.41 -33.22 -4.79
C8 NAG E . -17.86 -32.96 -5.02
N2 NAG E . -15.77 -32.31 -4.04
O3 NAG E . -12.73 -33.71 -2.51
O4 NAG E . -16.08 -32.91 -1.27
O5 NAG E . -13.21 -31.13 -2.01
O6 NAG E . -12.03 -31.36 0.18
O7 NAG E . -15.83 -34.19 -5.24
C1 NAG E . -16.57 -34.25 -1.04
C2 NAG E . -17.83 -34.13 -0.19
C3 NAG E . -18.42 -35.52 0.07
C4 NAG E . -18.65 -36.25 -1.25
C5 NAG E . -17.35 -36.27 -2.06
C6 NAG E . -17.54 -36.87 -3.44
C7 NAG E . -17.82 -32.14 1.26
C8 NAG E . -17.48 -31.61 2.61
N2 NAG E . -17.57 -33.45 1.07
O3 NAG E . -19.66 -35.39 0.76
O4 NAG E . -19.06 -37.59 -1.00
O5 NAG E . -16.86 -34.93 -2.26
O6 NAG E . -16.57 -36.36 -4.36
O7 NAG E . -18.28 -31.44 0.37
C1 NAG F . 12.83 -21.42 -2.97
C2 NAG F . 13.83 -22.59 -3.01
C3 NAG F . 15.28 -22.08 -2.93
C4 NAG F . 15.47 -21.11 -1.78
C5 NAG F . 14.33 -20.11 -1.70
C6 NAG F . 14.79 -18.68 -1.60
C7 NAG F . 13.26 -24.83 -2.19
C8 NAG F . 13.22 -25.24 -3.64
N2 NAG F . 13.55 -23.55 -1.96
O3 NAG F . 15.63 -21.45 -4.15
O4 NAG F . 15.58 -21.80 -0.54
O5 NAG F . 13.54 -20.20 -2.89
O6 NAG F . 16.21 -18.57 -1.76
O7 NAG F . 13.03 -25.63 -1.28
C1 NAG F . 16.89 -22.39 -0.44
C2 NAG F . 17.72 -21.62 0.59
C3 NAG F . 19.09 -22.27 0.76
C4 NAG F . 18.95 -23.75 1.08
C5 NAG F . 18.07 -24.43 0.04
C6 NAG F . 17.78 -25.88 0.36
C7 NAG F . 17.53 -19.21 1.02
C8 NAG F . 16.99 -19.58 2.37
N2 NAG F . 17.86 -20.22 0.21
O3 NAG F . 19.81 -21.61 1.79
O4 NAG F . 20.22 -24.37 1.10
O5 NAG F . 16.80 -23.77 -0.05
O6 NAG F . 16.43 -26.22 0.08
O7 NAG F . 17.66 -18.04 0.68
FE FE G . 10.22 28.12 -1.40
#